data_7AMS
#
_entry.id   7AMS
#
_cell.length_a   114.84
_cell.length_b   91.16
_cell.length_c   123.32
_cell.angle_alpha   90
_cell.angle_beta   94.09
_cell.angle_gamma   90
#
_symmetry.space_group_name_H-M   'C 1 2 1'
#
loop_
_entity.id
_entity.type
_entity.pdbx_description
1 polymer 'Human A6 T-cell receptor alpha chain'
2 polymer 'Human A6 T-cell receptor beta chain TRBC2'
3 polymer 'Human Jovi-1 Fab, KFN mutant, heavy chain'
4 polymer 'Human Jovi-1 Fab, KFN mutant, light chain'
5 non-polymer 'ZINC ION'
6 non-polymer 'CHLORIDE ION'
7 non-polymer GLYCEROL
8 water water
#
loop_
_entity_poly.entity_id
_entity_poly.type
_entity_poly.pdbx_seq_one_letter_code
_entity_poly.pdbx_strand_id
1 'polypeptide(L)'
;KEVEQNSGPLSVPEGAIASLNCTYSDRGSQSFFWYRQYSGKSPELIMSIYSNGDKEDGRFTAQLNKASQYVSLLIRDSQP
SDSATYLCAVTTDSWGKLQFGAGTQVVVTPDIQNPDPAVYQLRDSKSSDKSVCLFTDFDSQTNVSQSKDSDVYITDKCVL
DMRSMDFKSNSAVAWSNKSDFACANAFNNSIIPEDTFFPSPESS
;
A
2 'polypeptide(L)'
;MNAGVTQTPKFQVLKTGQSMTLQCAQDMNHEYMSWYRQDPGMGLRLIHYSVGAGITDQGEVPNGYNVSRSTTEDFPLRLL
SAAPSQTSVYFCASRPGLAGGRPEQYFGPGTRLTVTEDLKNVFPPEVAVFEPSEAEISHTQKATLVCLATGFYPDHVELS
WWVNGKEVHSGVCTDPQPLKEQPALNDSRYALSSRLRVSATFWQDPRNHFRCQVQFYGLSENDEWTQDRAKPVTQIVSAE
AWGRAD
;
B
3 'polypeptide(L)'
;QVQLVQSGAEVKKPGASVKVSCKASGYKFTGFVMHWVRQAPGQGLEWMGFINPYNDDIQSNERFRGRVTMTRDTSISTAY
MELSRLRSDDTAVYYCARGNGYNFDGAYRFFDFWGQGTMVTVSSASTKGPSVFPLAPSSKSTSGGTAALGCLVKDYFPEP
VTVSWNSGALTSGVHTFPAVLQSSGLYSLSSVVTVPSSSLGTQTYICNVNHKPSNTKVDKKVEPK
;
H
4 'polypeptide(L)'
;DIVMTQSPLSLPVTPGEPASISCRSSQRLVHSNGNTYLHWYLQKPGQSPRLLIYRVSNRFPGVPDRFSGSGSGTDFTLKI
SRVEAEDVGVYYCSQSTHVPYTFGQGTKLEIKRTVAAPSVFIFPPSDEQLKSGTASVVCLLNNFYPREAKVQWKVDNALQ
SGNSQESVTEQDSKDSTYSLSSTLTLSKADYEKHKVYACEVTHQGLSSPVTKSFNRGEC
;
L
#
loop_
_chem_comp.id
_chem_comp.type
_chem_comp.name
_chem_comp.formula
CL non-polymer 'CHLORIDE ION' 'Cl -1'
GOL non-polymer GLYCEROL 'C3 H8 O3'
ZN non-polymer 'ZINC ION' 'Zn 2'
#
# COMPACT_ATOMS: atom_id res chain seq x y z
N GLU A 2 5.44 19.72 34.22
CA GLU A 2 4.27 20.04 33.42
C GLU A 2 3.99 21.53 33.34
N VAL A 3 3.57 21.97 32.16
CA VAL A 3 3.19 23.33 31.84
C VAL A 3 1.76 23.28 31.35
N GLU A 4 0.87 24.11 31.90
CA GLU A 4 -0.53 24.13 31.46
C GLU A 4 -0.97 25.50 30.97
N GLN A 5 -1.70 25.54 29.87
CA GLN A 5 -2.17 26.79 29.29
C GLN A 5 -3.68 26.87 29.19
N ASN A 6 -4.21 28.11 29.14
CA ASN A 6 -5.65 28.34 29.08
C ASN A 6 -6.28 27.72 27.82
N SER A 7 -7.58 27.37 27.93
CA SER A 7 -8.36 26.74 26.86
C SER A 7 -8.59 27.69 25.70
N GLY A 8 -8.40 27.18 24.49
CA GLY A 8 -8.60 27.96 23.27
C GLY A 8 -9.54 27.32 22.26
N PRO A 9 -9.80 27.96 21.10
CA PRO A 9 -9.27 29.26 20.65
C PRO A 9 -9.87 30.44 21.39
N LEU A 10 -9.10 31.52 21.57
CA LEU A 10 -9.59 32.73 22.20
C LEU A 10 -9.99 33.65 21.07
N SER A 11 -11.26 34.11 21.06
CA SER A 11 -11.69 35.04 20.03
C SER A 11 -11.55 36.45 20.57
N VAL A 12 -10.75 37.24 19.87
CA VAL A 12 -10.44 38.59 20.27
C VAL A 12 -10.83 39.53 19.17
N PRO A 13 -11.72 40.50 19.44
CA PRO A 13 -11.99 41.52 18.42
C PRO A 13 -10.72 42.33 18.14
N GLU A 14 -10.58 42.87 16.93
CA GLU A 14 -9.45 43.74 16.57
C GLU A 14 -9.48 44.97 17.46
N GLY A 15 -8.30 45.37 17.93
CA GLY A 15 -8.15 46.52 18.81
C GLY A 15 -8.13 46.19 20.30
N ALA A 16 -8.64 45.00 20.66
CA ALA A 16 -8.80 44.51 22.03
C ALA A 16 -7.55 43.74 22.56
N ILE A 17 -7.56 43.29 23.83
CA ILE A 17 -6.44 42.56 24.39
C ILE A 17 -6.64 41.03 24.44
N ALA A 18 -5.71 40.29 23.85
CA ALA A 18 -5.73 38.84 23.90
C ALA A 18 -5.02 38.47 25.21
N SER A 19 -5.69 37.84 26.16
CA SER A 19 -5.09 37.49 27.44
C SER A 19 -4.71 36.01 27.54
N LEU A 20 -3.40 35.71 27.64
CA LEU A 20 -2.88 34.35 27.72
C LEU A 20 -2.24 34.05 29.07
N ASN A 21 -2.59 32.89 29.65
CA ASN A 21 -2.14 32.42 30.97
C ASN A 21 -1.29 31.16 30.81
N CYS A 22 -0.51 30.88 31.84
CA CYS A 22 0.36 29.71 31.85
C CYS A 22 0.78 29.36 33.28
N THR A 23 0.48 28.13 33.74
CA THR A 23 0.92 27.69 35.07
C THR A 23 1.92 26.52 34.92
N TYR A 24 3.01 26.51 35.68
CA TYR A 24 4.00 25.44 35.62
C TYR A 24 4.11 24.72 36.97
N SER A 25 4.53 23.45 36.99
CA SER A 25 4.60 22.70 38.25
C SER A 25 5.96 22.76 38.98
N ASP A 26 7.09 22.75 38.26
CA ASP A 26 8.41 22.79 38.89
C ASP A 26 8.66 24.13 39.58
N ARG A 27 8.74 24.14 40.92
CA ARG A 27 8.93 25.36 41.71
C ARG A 27 10.31 26.04 41.51
N GLY A 28 11.33 25.26 41.18
CA GLY A 28 12.67 25.81 40.96
C GLY A 28 12.94 26.39 39.58
N SER A 29 11.88 26.62 38.79
CA SER A 29 12.00 27.16 37.44
C SER A 29 12.50 28.61 37.48
N GLN A 30 13.44 28.95 36.60
CA GLN A 30 14.05 30.28 36.59
C GLN A 30 13.93 31.02 35.27
N SER A 31 13.61 30.32 34.16
CA SER A 31 13.45 31.00 32.88
C SER A 31 12.10 30.69 32.23
N PHE A 32 11.42 31.73 31.72
CA PHE A 32 10.05 31.62 31.18
C PHE A 32 9.97 32.27 29.83
N PHE A 33 9.33 31.60 28.88
CA PHE A 33 9.30 32.06 27.51
C PHE A 33 7.95 31.91 26.86
N TRP A 34 7.68 32.74 25.85
CA TRP A 34 6.47 32.66 25.05
C TRP A 34 6.90 32.54 23.58
N TYR A 35 6.34 31.54 22.91
CA TYR A 35 6.58 31.29 21.49
C TYR A 35 5.30 31.61 20.72
N ARG A 36 5.43 32.13 19.51
CA ARG A 36 4.30 32.36 18.64
C ARG A 36 4.50 31.41 17.47
N GLN A 37 3.46 30.62 17.15
CA GLN A 37 3.53 29.69 16.04
C GLN A 37 2.34 29.86 15.11
N TYR A 38 2.61 30.36 13.90
CA TYR A 38 1.59 30.50 12.86
C TYR A 38 1.26 29.12 12.30
N SER A 39 0.05 28.92 11.77
CA SER A 39 -0.35 27.61 11.23
C SER A 39 0.57 27.17 10.10
N GLY A 40 1.06 25.94 10.17
CA GLY A 40 1.99 25.39 9.20
C GLY A 40 3.38 25.99 9.26
N LYS A 41 3.67 26.82 10.28
CA LYS A 41 4.97 27.45 10.45
C LYS A 41 5.69 26.90 11.72
N SER A 42 6.90 27.40 12.03
CA SER A 42 7.66 26.91 13.18
C SER A 42 7.47 27.80 14.45
N PRO A 43 7.65 27.27 15.69
CA PRO A 43 7.51 28.13 16.87
C PRO A 43 8.62 29.19 16.88
N GLU A 44 8.24 30.45 17.05
CA GLU A 44 9.14 31.60 17.06
C GLU A 44 9.15 32.23 18.47
N LEU A 45 10.32 32.45 19.07
CA LEU A 45 10.42 33.05 20.39
C LEU A 45 10.09 34.51 20.34
N ILE A 46 9.06 34.94 21.08
CA ILE A 46 8.67 36.34 21.08
C ILE A 46 8.95 37.02 22.41
N MET A 47 9.01 36.28 23.53
CA MET A 47 9.24 36.91 24.85
C MET A 47 9.99 35.98 25.77
N SER A 48 10.80 36.58 26.64
CA SER A 48 11.56 35.90 27.69
C SER A 48 11.36 36.72 28.96
N ILE A 49 11.28 36.07 30.11
CA ILE A 49 11.10 36.76 31.39
C ILE A 49 11.81 35.93 32.46
N TYR A 50 12.59 36.62 33.32
CA TYR A 50 13.42 35.91 34.29
C TYR A 50 13.12 36.26 35.74
N SER A 51 12.50 37.43 35.98
CA SER A 51 12.19 37.86 37.34
C SER A 51 10.80 38.50 37.41
N ASN A 52 10.08 38.28 38.53
CA ASN A 52 8.73 38.77 38.81
C ASN A 52 8.44 40.18 38.30
N GLY A 53 7.19 40.41 37.93
CA GLY A 53 6.79 41.70 37.40
C GLY A 53 6.49 41.68 35.93
N ASP A 54 6.37 42.87 35.37
CA ASP A 54 6.01 43.06 33.98
C ASP A 54 7.19 43.46 33.06
N LYS A 55 7.22 42.85 31.88
CA LYS A 55 8.18 43.14 30.84
C LYS A 55 7.37 43.47 29.57
N GLU A 56 7.68 44.58 28.89
CA GLU A 56 6.92 44.99 27.72
C GLU A 56 7.78 45.08 26.49
N ASP A 57 7.20 44.73 25.35
CA ASP A 57 7.91 44.74 24.09
C ASP A 57 6.87 44.91 22.99
N GLY A 58 6.74 46.14 22.49
CA GLY A 58 5.79 46.50 21.47
C GLY A 58 4.40 46.38 22.04
N ARG A 59 3.56 45.55 21.41
CA ARG A 59 2.22 45.31 21.92
C ARG A 59 2.14 44.14 22.94
N PHE A 60 3.23 43.43 23.18
CA PHE A 60 3.24 42.32 24.14
C PHE A 60 3.60 42.79 25.53
N THR A 61 3.05 42.11 26.54
CA THR A 61 3.37 42.33 27.94
C THR A 61 3.43 40.97 28.62
N ALA A 62 4.64 40.55 29.03
CA ALA A 62 4.83 39.30 29.76
C ALA A 62 4.73 39.63 31.25
N GLN A 63 4.06 38.77 32.01
CA GLN A 63 3.91 39.00 33.44
C GLN A 63 4.35 37.72 34.18
N LEU A 64 5.23 37.82 35.18
CA LEU A 64 5.67 36.62 35.90
C LEU A 64 5.41 36.71 37.41
N ASN A 65 4.87 35.63 37.97
CA ASN A 65 4.66 35.52 39.39
C ASN A 65 5.18 34.18 39.80
N LYS A 66 6.43 34.13 40.31
CA LYS A 66 7.07 32.88 40.71
C LYS A 66 6.41 32.26 41.93
N ALA A 67 5.86 33.08 42.84
CA ALA A 67 5.18 32.57 44.02
C ALA A 67 3.92 31.78 43.60
N SER A 68 3.15 32.32 42.65
CA SER A 68 1.96 31.65 42.15
C SER A 68 2.25 30.71 40.97
N GLN A 69 3.54 30.59 40.57
CA GLN A 69 4.00 29.77 39.46
C GLN A 69 3.20 30.05 38.21
N TYR A 70 3.01 31.35 37.94
CA TYR A 70 2.16 31.87 36.89
C TYR A 70 2.90 32.79 35.92
N VAL A 71 2.65 32.64 34.63
CA VAL A 71 3.24 33.43 33.55
C VAL A 71 2.09 33.91 32.64
N SER A 72 2.16 35.15 32.16
CA SER A 72 1.15 35.77 31.30
C SER A 72 1.75 36.36 30.03
N LEU A 73 0.91 36.55 29.03
CA LEU A 73 1.24 37.27 27.82
C LEU A 73 -0.02 38.02 27.44
N LEU A 74 0.04 39.36 27.40
CA LEU A 74 -1.08 40.13 26.92
C LEU A 74 -0.74 40.73 25.58
N ILE A 75 -1.67 40.69 24.64
CA ILE A 75 -1.44 41.26 23.33
C ILE A 75 -2.35 42.47 23.19
N ARG A 76 -1.80 43.67 23.33
CA ARG A 76 -2.58 44.91 23.22
C ARG A 76 -2.84 45.26 21.77
N ASP A 77 -3.94 45.98 21.50
CA ASP A 77 -4.37 46.43 20.17
C ASP A 77 -4.29 45.27 19.14
N SER A 78 -4.91 44.14 19.47
CA SER A 78 -4.84 42.93 18.67
C SER A 78 -5.17 43.13 17.21
N GLN A 79 -4.31 42.63 16.34
CA GLN A 79 -4.49 42.67 14.88
C GLN A 79 -4.80 41.25 14.40
N PRO A 80 -5.54 41.05 13.29
CA PRO A 80 -5.74 39.68 12.78
C PRO A 80 -4.41 38.98 12.46
N SER A 81 -3.34 39.77 12.17
CA SER A 81 -1.95 39.36 12.00
C SER A 81 -1.45 38.49 13.18
N ASP A 82 -2.02 38.72 14.37
CA ASP A 82 -1.65 38.06 15.61
C ASP A 82 -2.23 36.68 15.71
N SER A 83 -3.18 36.28 14.83
CA SER A 83 -3.80 34.95 14.87
C SER A 83 -2.78 33.91 14.63
N ALA A 84 -2.51 33.14 15.67
CA ALA A 84 -1.46 32.12 15.76
C ALA A 84 -1.70 31.31 17.05
N THR A 85 -0.94 30.24 17.30
CA THR A 85 -1.01 29.50 18.56
C THR A 85 0.17 30.02 19.40
N TYR A 86 -0.07 30.31 20.67
CA TYR A 86 0.98 30.83 21.54
C TYR A 86 1.36 29.79 22.55
N LEU A 87 2.65 29.40 22.54
CA LEU A 87 3.17 28.36 23.42
C LEU A 87 3.97 28.94 24.57
N CYS A 88 3.78 28.36 25.71
CA CYS A 88 4.48 28.72 26.92
C CYS A 88 5.62 27.69 27.14
N ALA A 89 6.81 28.13 27.60
CA ALA A 89 7.94 27.24 27.83
C ALA A 89 8.66 27.60 29.09
N VAL A 90 8.85 26.64 29.98
CA VAL A 90 9.48 26.86 31.27
C VAL A 90 10.77 26.02 31.43
N THR A 91 11.83 26.60 32.01
CA THR A 91 13.07 25.87 32.30
C THR A 91 13.68 26.29 33.66
N THR A 92 14.76 25.63 34.09
CA THR A 92 15.49 25.98 35.31
C THR A 92 16.88 26.53 34.86
N ASP A 93 17.78 25.64 34.35
CA ASP A 93 19.13 25.98 33.87
C ASP A 93 19.25 25.82 32.33
N SER A 94 20.48 25.84 31.75
CA SER A 94 20.63 25.64 30.30
C SER A 94 21.21 24.26 30.02
N LYS A 97 15.78 20.61 31.12
CA LYS A 97 15.30 20.88 29.76
C LYS A 97 14.12 21.89 29.70
N LEU A 98 13.72 22.27 28.47
CA LEU A 98 12.66 23.19 28.17
C LEU A 98 11.33 22.45 28.15
N GLN A 99 10.41 22.86 29.03
CA GLN A 99 9.09 22.26 29.20
C GLN A 99 8.03 23.10 28.49
N PHE A 100 7.44 22.59 27.40
CA PHE A 100 6.45 23.33 26.63
C PHE A 100 5.02 22.99 26.97
N GLY A 101 4.12 23.95 26.83
CA GLY A 101 2.69 23.74 26.98
C GLY A 101 2.06 23.36 25.65
N ALA A 102 0.82 22.86 25.67
CA ALA A 102 0.15 22.47 24.42
C ALA A 102 -0.16 23.65 23.49
N GLY A 103 -0.22 24.86 24.06
CA GLY A 103 -0.46 26.06 23.28
C GLY A 103 -1.84 26.65 23.49
N THR A 104 -2.06 27.86 23.00
CA THR A 104 -3.35 28.51 23.07
C THR A 104 -3.54 29.23 21.77
N GLN A 105 -4.48 28.80 20.97
CA GLN A 105 -4.74 29.42 19.68
C GLN A 105 -5.53 30.73 19.90
N VAL A 106 -5.10 31.78 19.23
CA VAL A 106 -5.73 33.08 19.35
C VAL A 106 -6.27 33.46 17.99
N VAL A 107 -7.54 33.81 17.94
CA VAL A 107 -8.18 34.22 16.69
C VAL A 107 -8.62 35.66 16.88
N VAL A 108 -8.02 36.59 16.12
CA VAL A 108 -8.36 37.99 16.18
C VAL A 108 -9.28 38.33 15.01
N THR A 109 -10.58 38.60 15.29
CA THR A 109 -11.57 38.90 14.27
C THR A 109 -11.47 40.35 13.83
N PRO A 110 -11.45 40.62 12.51
CA PRO A 110 -11.30 42.01 12.05
C PRO A 110 -12.51 42.90 12.36
N ASP A 111 -12.28 44.19 12.47
CA ASP A 111 -13.34 45.15 12.71
C ASP A 111 -13.93 45.60 11.36
N ILE A 112 -15.03 44.97 10.94
CA ILE A 112 -15.66 45.28 9.67
C ILE A 112 -16.66 46.39 9.92
N GLN A 113 -16.25 47.63 9.65
CA GLN A 113 -17.09 48.79 9.93
C GLN A 113 -18.20 48.97 8.90
N ASN A 114 -17.93 48.57 7.63
CA ASN A 114 -18.88 48.70 6.52
C ASN A 114 -19.16 47.35 5.82
N PRO A 115 -19.89 46.43 6.46
CA PRO A 115 -20.20 45.16 5.80
C PRO A 115 -21.21 45.37 4.67
N ASP A 116 -21.12 44.49 3.68
CA ASP A 116 -21.99 44.45 2.53
C ASP A 116 -22.13 42.94 2.16
N PRO A 117 -22.65 42.08 3.09
CA PRO A 117 -22.68 40.63 2.83
C PRO A 117 -23.31 40.21 1.52
N ALA A 118 -22.62 39.33 0.78
CA ALA A 118 -23.08 38.87 -0.52
C ALA A 118 -22.46 37.53 -0.87
N VAL A 119 -23.15 36.76 -1.73
CA VAL A 119 -22.61 35.52 -2.25
C VAL A 119 -22.51 35.71 -3.76
N TYR A 120 -21.31 35.58 -4.31
CA TYR A 120 -21.02 35.74 -5.74
C TYR A 120 -20.67 34.43 -6.41
N GLN A 121 -20.98 34.28 -7.70
CA GLN A 121 -20.62 33.10 -8.46
C GLN A 121 -19.44 33.49 -9.32
N LEU A 122 -18.34 32.74 -9.19
CA LEU A 122 -17.11 33.00 -9.91
C LEU A 122 -16.89 31.83 -10.85
N ARG A 123 -16.55 32.09 -12.11
CA ARG A 123 -16.37 31.04 -13.09
C ARG A 123 -14.91 30.75 -13.38
N ASP A 124 -14.59 29.48 -13.64
CA ASP A 124 -13.23 29.03 -13.93
C ASP A 124 -12.75 29.74 -15.20
N SER A 125 -11.58 30.37 -15.15
CA SER A 125 -10.98 31.05 -16.30
C SER A 125 -10.73 30.11 -17.50
N LYS A 126 -10.77 28.78 -17.28
CA LYS A 126 -10.56 27.83 -18.35
C LYS A 126 -11.87 27.18 -18.85
N SER A 127 -12.92 27.11 -17.99
CA SER A 127 -14.22 26.50 -18.32
C SER A 127 -15.33 27.15 -17.55
N SER A 128 -16.32 27.69 -18.25
CA SER A 128 -17.48 28.34 -17.63
C SER A 128 -18.43 27.39 -16.90
N ASP A 129 -18.39 26.08 -17.23
CA ASP A 129 -19.20 25.06 -16.57
C ASP A 129 -18.87 25.03 -15.07
N LYS A 130 -17.58 25.11 -14.74
CA LYS A 130 -17.09 25.05 -13.38
C LYS A 130 -17.14 26.42 -12.69
N SER A 131 -17.62 26.45 -11.45
CA SER A 131 -17.70 27.69 -10.71
C SER A 131 -17.60 27.49 -9.18
N VAL A 132 -17.31 28.57 -8.45
CA VAL A 132 -17.33 28.53 -6.98
C VAL A 132 -18.27 29.65 -6.48
N CYS A 133 -18.85 29.48 -5.30
CA CYS A 133 -19.68 30.49 -4.66
C CYS A 133 -18.85 31.20 -3.58
N LEU A 134 -18.69 32.51 -3.70
CA LEU A 134 -17.93 33.28 -2.73
C LEU A 134 -18.80 34.10 -1.75
N PHE A 135 -18.91 33.65 -0.50
CA PHE A 135 -19.61 34.42 0.53
C PHE A 135 -18.58 35.41 1.02
N THR A 136 -18.87 36.71 0.98
CA THR A 136 -17.88 37.71 1.37
C THR A 136 -18.48 38.98 1.97
N ASP A 137 -17.61 39.81 2.58
CA ASP A 137 -17.92 41.15 3.11
C ASP A 137 -18.93 41.19 4.24
N PHE A 138 -19.04 40.10 4.97
CA PHE A 138 -19.86 40.00 6.15
C PHE A 138 -18.99 40.41 7.37
N ASP A 139 -19.64 40.89 8.43
CA ASP A 139 -18.95 41.28 9.66
C ASP A 139 -18.56 40.06 10.47
N SER A 140 -17.60 40.21 11.40
CA SER A 140 -17.08 39.10 12.19
C SER A 140 -18.12 38.43 13.12
N GLN A 141 -19.34 38.93 13.15
CA GLN A 141 -20.48 38.36 13.87
C GLN A 141 -21.06 37.13 13.14
N THR A 142 -20.73 36.93 11.85
CA THR A 142 -21.19 35.80 11.09
C THR A 142 -20.17 34.66 11.20
N ASN A 143 -20.66 33.45 11.46
CA ASN A 143 -19.85 32.24 11.49
C ASN A 143 -20.33 31.30 10.39
N VAL A 144 -19.39 30.59 9.76
CA VAL A 144 -19.68 29.71 8.64
C VAL A 144 -19.69 28.22 9.04
N SER A 145 -20.85 27.57 8.96
CA SER A 145 -20.97 26.16 9.31
C SER A 145 -20.38 25.27 8.23
N GLN A 146 -19.72 24.18 8.63
CA GLN A 146 -19.12 23.25 7.66
C GLN A 146 -20.19 22.53 6.86
N SER A 147 -19.79 21.91 5.75
CA SER A 147 -20.74 21.21 4.91
C SER A 147 -21.29 19.95 5.58
N LYS A 148 -22.61 19.81 5.53
CA LYS A 148 -23.28 18.62 6.03
C LYS A 148 -23.19 17.52 4.95
N ASP A 149 -23.42 17.90 3.69
CA ASP A 149 -23.34 17.09 2.49
C ASP A 149 -21.88 16.75 2.23
N SER A 150 -21.58 15.52 1.80
CA SER A 150 -20.20 15.10 1.56
C SER A 150 -19.64 15.56 0.20
N ASP A 151 -20.51 15.85 -0.78
CA ASP A 151 -20.03 16.29 -2.09
C ASP A 151 -20.15 17.81 -2.32
N VAL A 152 -20.39 18.56 -1.25
CA VAL A 152 -20.37 20.00 -1.24
C VAL A 152 -19.20 20.36 -0.31
N TYR A 153 -18.25 21.17 -0.78
CA TYR A 153 -17.12 21.57 0.04
C TYR A 153 -17.25 23.04 0.41
N ILE A 154 -17.12 23.35 1.70
CA ILE A 154 -17.19 24.70 2.24
C ILE A 154 -15.98 25.00 3.12
N THR A 155 -15.23 26.06 2.79
CA THR A 155 -14.09 26.48 3.61
C THR A 155 -14.53 27.51 4.64
N ASP A 156 -13.81 27.61 5.74
CA ASP A 156 -14.12 28.56 6.80
C ASP A 156 -13.75 29.99 6.42
N LYS A 157 -14.26 30.98 7.16
CA LYS A 157 -13.96 32.39 6.87
C LYS A 157 -12.46 32.68 6.97
N CYS A 158 -12.01 33.58 6.12
CA CYS A 158 -10.63 33.93 5.90
C CYS A 158 -10.59 35.44 5.81
N VAL A 159 -9.61 36.07 6.45
CA VAL A 159 -9.45 37.52 6.38
C VAL A 159 -8.38 37.92 5.42
N LEU A 160 -8.73 38.70 4.41
CA LEU A 160 -7.71 39.29 3.54
C LEU A 160 -7.59 40.81 3.88
N ASP A 161 -6.39 41.36 3.72
CA ASP A 161 -6.15 42.76 4.02
C ASP A 161 -5.52 43.40 2.77
N MET A 162 -6.22 44.34 2.14
CA MET A 162 -5.73 45.10 1.00
C MET A 162 -4.98 46.25 1.67
N ARG A 163 -3.68 46.04 1.90
CA ARG A 163 -2.85 46.90 2.71
C ARG A 163 -2.74 48.33 2.23
N SER A 164 -2.65 48.56 0.91
CA SER A 164 -2.54 49.91 0.38
C SER A 164 -3.81 50.73 0.63
N MET A 165 -4.97 50.09 0.69
CA MET A 165 -6.25 50.75 0.95
C MET A 165 -6.69 50.71 2.40
N ASP A 166 -5.97 49.96 3.26
CA ASP A 166 -6.31 49.71 4.66
C ASP A 166 -7.70 49.08 4.75
N PHE A 167 -7.99 48.14 3.85
CA PHE A 167 -9.30 47.51 3.72
C PHE A 167 -9.21 46.03 4.00
N LYS A 168 -9.88 45.56 5.03
CA LYS A 168 -9.92 44.15 5.40
C LYS A 168 -11.31 43.57 5.08
N SER A 169 -11.37 42.28 4.64
CA SER A 169 -12.67 41.66 4.39
C SER A 169 -12.66 40.16 4.62
N ASN A 170 -13.79 39.63 5.07
CA ASN A 170 -13.93 38.19 5.31
C ASN A 170 -14.50 37.52 4.08
N SER A 171 -14.18 36.23 3.90
CA SER A 171 -14.74 35.42 2.84
C SER A 171 -14.62 33.94 3.13
N ALA A 172 -15.61 33.20 2.64
CA ALA A 172 -15.70 31.74 2.71
C ALA A 172 -16.04 31.26 1.30
N VAL A 173 -15.46 30.14 0.89
CA VAL A 173 -15.65 29.59 -0.45
C VAL A 173 -16.43 28.27 -0.40
N ALA A 174 -17.32 28.02 -1.38
CA ALA A 174 -18.11 26.79 -1.46
C ALA A 174 -18.20 26.33 -2.90
N TRP A 175 -18.04 25.04 -3.13
CA TRP A 175 -18.11 24.47 -4.48
C TRP A 175 -18.62 23.05 -4.42
N SER A 176 -19.12 22.52 -5.55
CA SER A 176 -19.66 21.17 -5.60
C SER A 176 -19.97 20.72 -7.03
N ASN A 177 -19.74 19.45 -7.33
CA ASN A 177 -20.09 18.90 -8.63
C ASN A 177 -21.56 18.46 -8.74
N LYS A 178 -22.29 18.49 -7.59
CA LYS A 178 -23.71 18.14 -7.49
C LYS A 178 -24.54 19.03 -8.41
N SER A 179 -25.50 18.42 -9.10
CA SER A 179 -26.40 19.09 -10.03
C SER A 179 -27.31 20.11 -9.32
N ASP A 180 -27.68 19.81 -8.05
CA ASP A 180 -28.55 20.67 -7.22
C ASP A 180 -27.79 21.84 -6.57
N PHE A 181 -26.46 21.89 -6.73
CA PHE A 181 -25.67 22.96 -6.13
C PHE A 181 -25.84 24.30 -6.84
N ALA A 182 -26.15 25.31 -6.05
CA ALA A 182 -26.38 26.67 -6.49
C ALA A 182 -25.87 27.58 -5.40
N CYS A 183 -25.57 28.84 -5.73
CA CYS A 183 -25.09 29.77 -4.71
C CYS A 183 -26.17 30.16 -3.72
N ALA A 184 -27.44 30.17 -4.15
CA ALA A 184 -28.57 30.42 -3.26
C ALA A 184 -28.66 29.33 -2.18
N ASN A 185 -28.20 28.10 -2.47
CA ASN A 185 -28.22 26.97 -1.54
C ASN A 185 -26.90 26.75 -0.78
N ALA A 186 -25.78 27.11 -1.40
CA ALA A 186 -24.44 26.88 -0.89
C ALA A 186 -24.27 27.07 0.63
N PHE A 187 -24.66 28.23 1.19
CA PHE A 187 -24.45 28.51 2.61
C PHE A 187 -25.70 28.29 3.49
N ASN A 188 -26.67 27.50 3.02
CA ASN A 188 -27.92 27.16 3.72
C ASN A 188 -27.75 26.56 5.12
N ASN A 189 -26.58 26.00 5.45
CA ASN A 189 -26.34 25.45 6.78
C ASN A 189 -25.86 26.50 7.81
N SER A 190 -25.49 27.71 7.36
CA SER A 190 -24.98 28.79 8.21
C SER A 190 -26.07 29.82 8.49
N ILE A 191 -25.90 30.57 9.61
CA ILE A 191 -26.76 31.67 10.00
C ILE A 191 -26.08 32.89 9.38
N ILE A 192 -26.65 33.35 8.25
CA ILE A 192 -26.12 34.48 7.50
C ILE A 192 -27.02 35.72 7.62
N PRO A 193 -26.50 36.93 7.35
CA PRO A 193 -27.34 38.13 7.49
C PRO A 193 -28.58 38.10 6.58
N GLU A 194 -29.73 38.54 7.12
CA GLU A 194 -30.99 38.58 6.40
C GLU A 194 -30.93 39.40 5.12
N ASP A 195 -30.05 40.40 5.09
CA ASP A 195 -29.89 41.28 3.93
C ASP A 195 -28.74 40.87 2.99
N THR A 196 -28.31 39.59 3.02
CA THR A 196 -27.24 39.11 2.15
C THR A 196 -27.63 39.29 0.68
N PHE A 197 -26.77 39.90 -0.11
CA PHE A 197 -27.05 40.16 -1.51
C PHE A 197 -26.79 38.90 -2.34
N PHE A 198 -27.78 38.49 -3.14
CA PHE A 198 -27.64 37.32 -3.99
C PHE A 198 -27.89 37.73 -5.44
N PRO A 199 -26.88 38.23 -6.14
CA PRO A 199 -27.09 38.62 -7.55
C PRO A 199 -27.43 37.42 -8.42
N SER A 200 -28.18 37.64 -9.50
CA SER A 200 -28.54 36.54 -10.39
C SER A 200 -27.31 36.02 -11.15
N PRO A 201 -27.26 34.70 -11.41
CA PRO A 201 -26.10 34.14 -12.11
C PRO A 201 -26.05 34.42 -13.62
N GLU A 202 -27.14 34.96 -14.23
CA GLU A 202 -27.22 35.24 -15.68
C GLU A 202 -27.25 33.95 -16.53
N SER A 203 -28.41 33.71 -17.20
CA SER A 203 -28.74 32.52 -17.98
C SER A 203 -27.78 32.18 -19.15
N SER A 204 -27.92 30.94 -19.69
CA SER A 204 -27.15 30.37 -20.80
C SER A 204 -25.65 30.32 -20.53
N GLY B 4 20.46 30.76 10.72
CA GLY B 4 20.32 30.13 12.03
C GLY B 4 20.15 28.64 11.92
N VAL B 5 19.01 28.09 12.41
CA VAL B 5 18.71 26.66 12.38
C VAL B 5 18.09 26.28 11.04
N THR B 6 18.70 25.32 10.35
CA THR B 6 18.35 24.82 9.04
C THR B 6 17.75 23.41 9.11
N GLN B 7 16.74 23.12 8.25
CA GLN B 7 16.13 21.81 8.18
C GLN B 7 15.76 21.38 6.77
N THR B 8 16.17 20.18 6.36
CA THR B 8 15.85 19.62 5.06
C THR B 8 15.45 18.16 5.22
N PRO B 9 14.42 17.70 4.49
CA PRO B 9 13.56 18.47 3.59
C PRO B 9 12.43 19.17 4.37
N LYS B 10 11.76 20.12 3.71
CA LYS B 10 10.62 20.80 4.29
C LYS B 10 9.44 19.82 4.42
N PHE B 11 9.29 18.93 3.44
CA PHE B 11 8.21 17.95 3.36
C PHE B 11 8.76 16.60 2.91
N GLN B 12 8.12 15.50 3.31
CA GLN B 12 8.54 14.16 2.89
C GLN B 12 7.39 13.20 2.99
N VAL B 13 7.25 12.33 2.00
CA VAL B 13 6.27 11.27 1.99
C VAL B 13 7.07 9.96 1.93
N LEU B 14 6.83 9.09 2.91
CA LEU B 14 7.52 7.82 2.98
C LEU B 14 6.54 6.68 2.84
N LYS B 15 7.06 5.50 2.52
CA LYS B 15 6.23 4.31 2.48
C LYS B 15 6.59 3.50 3.73
N THR B 16 5.61 2.85 4.38
CA THR B 16 5.86 2.03 5.57
C THR B 16 7.09 1.07 5.34
N GLY B 17 8.04 1.12 6.25
CA GLY B 17 9.25 0.33 6.16
C GLY B 17 10.45 1.04 5.54
N GLN B 18 10.25 2.24 4.99
CA GLN B 18 11.35 3.00 4.37
C GLN B 18 12.24 3.72 5.40
N SER B 19 13.47 4.03 5.01
CA SER B 19 14.41 4.74 5.87
C SER B 19 14.49 6.21 5.43
N MET B 20 14.75 7.13 6.38
N MET B 20 14.84 7.07 6.38
CA MET B 20 14.86 8.55 6.04
CA MET B 20 14.93 8.49 6.10
C MET B 20 15.65 9.29 7.09
C MET B 20 15.80 9.18 7.10
N THR B 21 16.48 10.25 6.68
CA THR B 21 17.24 11.04 7.62
C THR B 21 16.91 12.51 7.35
N LEU B 22 16.41 13.18 8.39
CA LEU B 22 16.07 14.59 8.38
C LEU B 22 17.34 15.33 8.79
N GLN B 23 17.81 16.28 7.96
CA GLN B 23 19.03 17.02 8.28
C GLN B 23 18.73 18.24 9.09
N CYS B 24 19.60 18.54 10.03
CA CYS B 24 19.51 19.74 10.82
C CYS B 24 20.87 20.36 11.01
N ALA B 25 20.97 21.68 10.85
CA ALA B 25 22.24 22.37 11.00
C ALA B 25 22.12 23.80 11.51
N GLN B 26 22.93 24.17 12.51
CA GLN B 26 22.98 25.55 12.97
C GLN B 26 24.41 26.11 12.80
N ASP B 27 24.50 27.39 12.45
CA ASP B 27 25.76 28.11 12.26
C ASP B 27 25.95 29.10 13.42
N MET B 28 25.57 28.69 14.64
CA MET B 28 25.64 29.59 15.80
C MET B 28 26.51 29.09 16.94
N ASN B 29 27.29 28.03 16.71
CA ASN B 29 28.17 27.44 17.72
C ASN B 29 27.42 27.09 18.99
N HIS B 30 26.25 26.50 18.83
CA HIS B 30 25.42 26.11 19.95
C HIS B 30 25.79 24.68 20.33
N GLU B 31 25.97 24.45 21.62
CA GLU B 31 26.30 23.14 22.13
C GLU B 31 25.05 22.26 22.12
N TYR B 32 23.92 22.81 22.56
CA TYR B 32 22.72 22.03 22.71
C TYR B 32 21.81 22.03 21.46
N MET B 33 21.51 20.84 20.95
CA MET B 33 20.58 20.67 19.85
C MET B 33 19.59 19.59 20.21
N SER B 34 18.33 19.76 19.82
CA SER B 34 17.29 18.80 20.14
C SER B 34 16.34 18.54 18.98
N TRP B 35 15.59 17.43 19.04
CA TRP B 35 14.58 17.07 18.06
C TRP B 35 13.23 16.94 18.77
N TYR B 36 12.19 17.47 18.14
CA TYR B 36 10.83 17.42 18.66
C TYR B 36 9.89 16.94 17.58
N ARG B 37 8.76 16.38 17.97
CA ARG B 37 7.70 16.08 17.04
C ARG B 37 6.40 16.78 17.52
N GLN B 38 5.66 17.41 16.62
CA GLN B 38 4.45 18.14 16.97
C GLN B 38 3.23 17.44 16.43
N ASP B 39 2.33 17.04 17.33
CA ASP B 39 1.14 16.32 16.96
C ASP B 39 -0.10 16.97 17.51
N PRO B 40 -1.20 16.95 16.74
CA PRO B 40 -2.46 17.52 17.24
C PRO B 40 -2.91 16.79 18.50
N GLY B 41 -3.42 17.54 19.46
CA GLY B 41 -3.79 16.99 20.74
C GLY B 41 -2.66 17.29 21.68
N MET B 42 -1.56 16.55 21.56
CA MET B 42 -0.37 16.82 22.38
C MET B 42 0.35 18.12 21.96
N GLY B 43 1.37 18.49 22.71
CA GLY B 43 2.17 19.65 22.39
C GLY B 43 3.41 19.18 21.65
N LEU B 44 4.56 19.73 22.06
CA LEU B 44 5.83 19.37 21.46
C LEU B 44 6.44 18.29 22.32
N ARG B 45 6.75 17.13 21.72
CA ARG B 45 7.36 16.04 22.47
C ARG B 45 8.80 15.87 22.02
N LEU B 46 9.74 15.87 22.97
CA LEU B 46 11.15 15.75 22.67
C LEU B 46 11.48 14.31 22.35
N ILE B 47 12.22 14.09 21.27
CA ILE B 47 12.58 12.76 20.82
C ILE B 47 13.97 12.44 21.33
N HIS B 48 14.93 13.34 21.11
CA HIS B 48 16.32 13.16 21.49
C HIS B 48 16.97 14.53 21.60
N TYR B 49 18.04 14.61 22.38
CA TYR B 49 18.79 15.85 22.55
C TYR B 49 20.29 15.56 22.64
N SER B 50 21.08 16.60 22.40
CA SER B 50 22.52 16.48 22.41
C SER B 50 23.06 17.70 23.09
N VAL B 51 23.72 17.51 24.25
CA VAL B 51 24.33 18.61 25.02
C VAL B 51 25.69 19.07 24.46
N GLY B 52 26.23 18.35 23.49
CA GLY B 52 27.50 18.67 22.85
C GLY B 52 27.93 17.62 21.85
N ALA B 53 28.96 17.92 21.05
CA ALA B 53 29.47 16.98 20.03
C ALA B 53 29.86 15.66 20.64
N GLY B 54 29.28 14.58 20.15
CA GLY B 54 29.59 13.24 20.65
C GLY B 54 28.67 12.71 21.73
N ILE B 55 27.85 13.58 22.33
CA ILE B 55 26.93 13.19 23.38
C ILE B 55 25.52 13.22 22.84
N THR B 56 24.74 12.13 23.02
CA THR B 56 23.33 12.06 22.62
C THR B 56 22.50 11.37 23.74
N ASP B 57 21.24 11.77 23.90
CA ASP B 57 20.38 11.19 24.93
C ASP B 57 18.91 11.14 24.53
N GLN B 58 18.19 10.19 25.13
CA GLN B 58 16.79 9.97 24.85
C GLN B 58 15.93 11.04 25.47
N GLY B 59 14.92 11.43 24.72
CA GLY B 59 13.94 12.38 25.20
C GLY B 59 12.75 11.61 25.71
N GLU B 60 11.57 12.14 25.49
CA GLU B 60 10.33 11.53 25.92
C GLU B 60 9.99 10.34 25.01
N VAL B 61 10.06 10.55 23.67
CA VAL B 61 9.70 9.57 22.65
C VAL B 61 10.92 9.14 21.81
N PRO B 62 11.84 8.32 22.35
CA PRO B 62 13.01 7.93 21.55
C PRO B 62 12.74 6.85 20.50
N ASN B 63 11.74 5.98 20.77
CA ASN B 63 11.36 4.78 20.00
C ASN B 63 11.19 4.98 18.49
N GLY B 64 12.02 4.26 17.75
CA GLY B 64 11.98 4.32 16.29
C GLY B 64 12.86 5.40 15.69
N TYR B 65 13.50 6.22 16.52
CA TYR B 65 14.34 7.31 16.06
C TYR B 65 15.77 7.11 16.53
N ASN B 66 16.70 7.47 15.70
CA ASN B 66 18.12 7.43 16.04
C ASN B 66 18.73 8.82 15.78
N VAL B 67 19.68 9.28 16.60
CA VAL B 67 20.32 10.57 16.38
C VAL B 67 21.83 10.43 16.34
N SER B 68 22.53 11.43 15.80
CA SER B 68 23.99 11.41 15.73
C SER B 68 24.54 12.81 15.83
N ARG B 69 25.63 12.97 16.58
CA ARG B 69 26.28 14.27 16.72
C ARG B 69 27.78 14.10 16.53
N SER B 70 28.22 14.01 15.28
CA SER B 70 29.64 13.88 14.97
C SER B 70 30.33 15.25 15.09
N THR B 71 29.62 16.31 14.68
CA THR B 71 30.05 17.70 14.69
C THR B 71 29.03 18.56 15.46
N THR B 72 29.45 19.76 15.89
CA THR B 72 28.61 20.72 16.60
C THR B 72 27.49 21.27 15.71
N GLU B 73 27.77 21.41 14.41
CA GLU B 73 26.85 21.96 13.45
C GLU B 73 25.67 21.10 13.08
N ASP B 74 25.87 19.78 12.91
CA ASP B 74 24.79 18.91 12.46
C ASP B 74 24.23 17.96 13.52
N PHE B 75 22.90 17.76 13.48
CA PHE B 75 22.20 16.84 14.38
C PHE B 75 21.15 16.05 13.55
N PRO B 76 21.58 15.10 12.71
CA PRO B 76 20.62 14.36 11.88
C PRO B 76 19.74 13.42 12.69
N LEU B 77 18.48 13.27 12.27
CA LEU B 77 17.51 12.39 12.88
C LEU B 77 17.22 11.32 11.87
N ARG B 78 17.43 10.07 12.24
CA ARG B 78 17.22 8.94 11.36
C ARG B 78 16.01 8.14 11.80
N LEU B 79 15.16 7.81 10.83
CA LEU B 79 13.97 7.00 11.00
C LEU B 79 14.36 5.65 10.43
N LEU B 80 14.56 4.69 11.33
CA LEU B 80 15.01 3.35 11.00
C LEU B 80 14.06 2.64 10.05
N SER B 81 12.76 2.61 10.39
CA SER B 81 11.73 1.95 9.59
C SER B 81 10.44 2.73 9.75
N ALA B 82 10.09 3.50 8.71
CA ALA B 82 8.94 4.36 8.72
C ALA B 82 7.65 3.65 9.04
N ALA B 83 6.89 4.18 9.99
CA ALA B 83 5.60 3.65 10.38
C ALA B 83 4.58 4.76 10.31
N PRO B 84 3.30 4.43 10.07
CA PRO B 84 2.28 5.49 10.00
C PRO B 84 2.15 6.33 11.28
N SER B 85 2.57 5.80 12.43
CA SER B 85 2.57 6.57 13.67
C SER B 85 3.62 7.69 13.67
N GLN B 86 4.58 7.66 12.73
CA GLN B 86 5.58 8.70 12.62
C GLN B 86 5.12 9.90 11.73
N THR B 87 3.85 9.89 11.24
CA THR B 87 3.29 10.99 10.45
C THR B 87 3.14 12.15 11.44
N SER B 88 3.88 13.25 11.21
CA SER B 88 3.95 14.36 12.15
C SER B 88 4.80 15.53 11.58
N VAL B 89 4.97 16.60 12.36
CA VAL B 89 5.85 17.71 12.01
C VAL B 89 7.07 17.54 12.90
N TYR B 90 8.27 17.62 12.32
CA TYR B 90 9.49 17.45 13.10
C TYR B 90 10.22 18.76 13.20
N PHE B 91 10.55 19.15 14.42
CA PHE B 91 11.25 20.39 14.66
C PHE B 91 12.58 20.18 15.27
N CYS B 92 13.56 20.82 14.71
CA CYS B 92 14.89 20.82 15.24
C CYS B 92 15.03 22.11 16.02
N ALA B 93 15.83 22.10 17.07
CA ALA B 93 16.03 23.29 17.88
C ALA B 93 17.46 23.38 18.42
N SER B 94 17.93 24.60 18.74
CA SER B 94 19.25 24.78 19.31
C SER B 94 19.30 25.91 20.32
N ARG B 95 19.94 25.64 21.45
CA ARG B 95 20.14 26.44 22.64
C ARG B 95 21.68 26.57 22.80
N PRO B 96 22.20 27.73 23.29
CA PRO B 96 23.65 27.89 23.49
C PRO B 96 24.26 26.86 24.45
N GLY B 97 23.53 26.53 25.51
CA GLY B 97 23.95 25.53 26.49
C GLY B 97 25.23 25.84 27.23
N LEU B 98 25.38 27.10 27.64
CA LEU B 98 26.57 27.56 28.35
C LEU B 98 26.59 27.13 29.83
N ARG B 102 23.24 32.33 27.42
CA ARG B 102 21.79 32.54 27.21
C ARG B 102 21.03 31.20 27.24
N PRO B 103 19.82 31.19 27.85
CA PRO B 103 19.06 29.94 27.94
C PRO B 103 18.00 29.76 26.84
N GLU B 104 17.88 30.70 25.89
CA GLU B 104 16.89 30.67 24.83
C GLU B 104 17.10 29.65 23.72
N GLN B 105 16.01 28.99 23.30
CA GLN B 105 16.00 27.97 22.25
C GLN B 105 15.40 28.48 20.93
N TYR B 106 16.07 28.20 19.81
CA TYR B 106 15.56 28.62 18.50
C TYR B 106 15.21 27.41 17.64
N PHE B 107 14.08 27.46 16.96
CA PHE B 107 13.58 26.35 16.16
C PHE B 107 13.87 26.46 14.68
N GLY B 108 14.04 25.30 14.03
CA GLY B 108 14.18 25.21 12.58
C GLY B 108 12.83 25.32 11.91
N PRO B 109 12.77 25.45 10.57
CA PRO B 109 11.47 25.61 9.90
C PRO B 109 10.47 24.45 10.02
N GLY B 110 10.97 23.24 10.28
CA GLY B 110 10.12 22.07 10.42
C GLY B 110 10.09 21.17 9.20
N THR B 111 9.73 19.89 9.42
CA THR B 111 9.62 18.88 8.36
C THR B 111 8.30 18.19 8.52
N ARG B 112 7.44 18.36 7.51
CA ARG B 112 6.14 17.73 7.52
C ARG B 112 6.34 16.37 6.91
N LEU B 113 6.10 15.30 7.68
CA LEU B 113 6.33 13.95 7.19
C LEU B 113 5.05 13.17 7.20
N THR B 114 4.72 12.49 6.10
CA THR B 114 3.55 11.60 6.04
C THR B 114 4.06 10.20 5.71
N VAL B 115 3.65 9.17 6.48
CA VAL B 115 4.01 7.79 6.15
C VAL B 115 2.74 7.08 5.69
N THR B 116 2.74 6.49 4.47
CA THR B 116 1.55 5.80 3.93
C THR B 116 1.81 4.32 3.68
N GLU B 117 0.75 3.46 3.68
CA GLU B 117 0.91 2.00 3.40
C GLU B 117 1.36 1.76 1.95
N ASP B 118 0.96 2.63 0.99
CA ASP B 118 1.48 2.55 -0.37
C ASP B 118 1.40 3.89 -1.11
N LEU B 119 2.41 4.11 -1.92
CA LEU B 119 2.61 5.33 -2.66
C LEU B 119 1.56 5.61 -3.75
N LYS B 120 0.67 4.65 -4.00
CA LYS B 120 -0.44 4.83 -4.94
C LYS B 120 -1.50 5.81 -4.39
N ASN B 121 -1.47 6.07 -3.06
CA ASN B 121 -2.30 7.08 -2.42
C ASN B 121 -1.88 8.50 -2.78
N VAL B 122 -0.65 8.70 -3.28
CA VAL B 122 -0.07 9.99 -3.63
C VAL B 122 -0.65 10.52 -4.95
N PHE B 123 -1.20 11.74 -4.91
CA PHE B 123 -1.81 12.40 -6.05
C PHE B 123 -1.45 13.86 -6.04
N PRO B 124 -1.04 14.42 -7.20
CA PRO B 124 -0.71 15.84 -7.23
C PRO B 124 -2.00 16.68 -7.30
N PRO B 125 -1.96 17.99 -7.02
CA PRO B 125 -3.18 18.78 -7.11
C PRO B 125 -3.53 19.12 -8.55
N GLU B 126 -4.80 19.44 -8.74
CA GLU B 126 -5.29 20.06 -9.95
C GLU B 126 -5.57 21.53 -9.46
N VAL B 127 -5.19 22.52 -10.28
CA VAL B 127 -5.30 23.92 -9.89
C VAL B 127 -6.22 24.66 -10.85
N ALA B 128 -7.05 25.54 -10.31
CA ALA B 128 -7.99 26.28 -11.10
C ALA B 128 -8.17 27.67 -10.54
N VAL B 129 -8.24 28.67 -11.42
CA VAL B 129 -8.48 30.05 -11.03
C VAL B 129 -9.90 30.41 -11.48
N PHE B 130 -10.66 31.07 -10.62
CA PHE B 130 -12.03 31.47 -10.87
C PHE B 130 -12.02 32.96 -10.88
N GLU B 131 -12.40 33.53 -12.03
CA GLU B 131 -12.36 34.97 -12.29
C GLU B 131 -13.38 35.74 -11.51
N PRO B 132 -13.07 37.03 -11.19
CA PRO B 132 -14.02 37.89 -10.48
C PRO B 132 -15.39 38.01 -11.12
N SER B 133 -16.41 38.03 -10.26
CA SER B 133 -17.81 38.17 -10.62
C SER B 133 -18.09 39.60 -11.09
N GLU B 134 -18.90 39.77 -12.16
CA GLU B 134 -19.29 41.12 -12.65
C GLU B 134 -20.14 41.86 -11.64
N ALA B 135 -20.95 41.13 -10.87
CA ALA B 135 -21.82 41.74 -9.86
C ALA B 135 -20.97 42.31 -8.73
N GLU B 136 -19.90 41.60 -8.32
CA GLU B 136 -19.01 42.08 -7.27
C GLU B 136 -18.29 43.34 -7.74
N ILE B 137 -17.72 43.32 -8.96
CA ILE B 137 -17.03 44.45 -9.57
C ILE B 137 -17.90 45.70 -9.56
N SER B 138 -19.17 45.57 -9.95
CA SER B 138 -20.07 46.71 -9.98
C SER B 138 -20.52 47.14 -8.60
N HIS B 139 -20.85 46.17 -7.74
CA HIS B 139 -21.36 46.47 -6.42
C HIS B 139 -20.32 47.13 -5.50
N THR B 140 -19.12 46.50 -5.41
CA THR B 140 -18.08 46.95 -4.49
C THR B 140 -16.87 47.70 -5.06
N GLN B 141 -16.72 47.71 -6.39
CA GLN B 141 -15.53 48.30 -7.01
C GLN B 141 -14.26 47.46 -6.74
N LYS B 142 -14.41 46.21 -6.25
CA LYS B 142 -13.29 45.33 -5.99
C LYS B 142 -13.53 44.06 -6.81
N ALA B 143 -12.45 43.32 -7.07
CA ALA B 143 -12.49 42.10 -7.86
C ALA B 143 -11.75 40.96 -7.11
N THR B 144 -12.47 39.91 -6.74
CA THR B 144 -11.89 38.77 -6.05
C THR B 144 -11.69 37.56 -6.95
N LEU B 145 -10.45 37.07 -6.98
CA LEU B 145 -10.00 35.89 -7.69
C LEU B 145 -9.94 34.79 -6.63
N VAL B 146 -10.37 33.60 -6.99
CA VAL B 146 -10.36 32.48 -6.08
C VAL B 146 -9.58 31.37 -6.75
N CYS B 147 -8.70 30.72 -5.99
CA CYS B 147 -7.91 29.63 -6.50
C CYS B 147 -8.25 28.37 -5.74
N LEU B 148 -8.45 27.25 -6.45
CA LEU B 148 -8.65 25.97 -5.80
C LEU B 148 -7.56 24.99 -6.17
N ALA B 149 -7.00 24.30 -5.18
CA ALA B 149 -6.03 23.20 -5.39
C ALA B 149 -6.78 21.98 -4.88
N THR B 150 -7.14 21.04 -5.76
CA THR B 150 -7.95 19.89 -5.35
C THR B 150 -7.28 18.54 -5.61
N GLY B 151 -7.76 17.51 -4.89
CA GLY B 151 -7.39 16.11 -5.01
C GLY B 151 -5.94 15.75 -4.80
N PHE B 152 -5.27 16.44 -3.90
CA PHE B 152 -3.87 16.19 -3.63
C PHE B 152 -3.68 15.37 -2.37
N TYR B 153 -2.66 14.49 -2.37
CA TYR B 153 -2.27 13.70 -1.21
C TYR B 153 -0.77 13.41 -1.35
N PRO B 154 0.06 13.64 -0.31
CA PRO B 154 -0.28 14.13 1.03
C PRO B 154 -0.57 15.63 1.06
N ASP B 155 -0.87 16.14 2.26
CA ASP B 155 -1.16 17.54 2.54
C ASP B 155 0.14 18.36 2.53
N HIS B 156 0.94 18.20 1.48
CA HIS B 156 2.21 18.89 1.38
C HIS B 156 2.22 19.82 0.18
N VAL B 157 1.60 21.01 0.35
CA VAL B 157 1.51 22.05 -0.67
C VAL B 157 1.91 23.44 -0.16
N GLU B 158 2.24 24.37 -1.07
CA GLU B 158 2.56 25.76 -0.81
C GLU B 158 1.93 26.60 -1.91
N LEU B 159 0.90 27.36 -1.56
CA LEU B 159 0.17 28.15 -2.53
C LEU B 159 0.59 29.62 -2.46
N SER B 160 0.96 30.16 -3.63
CA SER B 160 1.37 31.53 -3.79
C SER B 160 0.65 32.16 -4.99
N TRP B 161 0.51 33.50 -4.96
CA TRP B 161 -0.15 34.25 -6.01
C TRP B 161 0.91 35.11 -6.71
N TRP B 162 0.82 35.21 -8.04
CA TRP B 162 1.76 35.93 -8.86
C TRP B 162 1.07 36.94 -9.77
N VAL B 163 1.30 38.24 -9.54
CA VAL B 163 0.71 39.27 -10.38
C VAL B 163 1.81 39.87 -11.24
N ASN B 164 1.68 39.75 -12.55
CA ASN B 164 2.66 40.31 -13.48
C ASN B 164 4.10 39.78 -13.31
N GLY B 165 4.24 38.52 -12.92
CA GLY B 165 5.56 37.92 -12.75
C GLY B 165 6.14 38.02 -11.36
N LYS B 166 5.53 38.82 -10.49
CA LYS B 166 6.02 39.01 -9.13
C LYS B 166 5.03 38.48 -8.12
N GLU B 167 5.52 37.88 -7.05
CA GLU B 167 4.69 37.32 -6.01
C GLU B 167 4.06 38.40 -5.12
N VAL B 168 2.76 38.28 -4.87
CA VAL B 168 2.04 39.21 -4.01
C VAL B 168 1.59 38.53 -2.72
N HIS B 169 1.46 39.30 -1.67
CA HIS B 169 1.00 38.86 -0.35
C HIS B 169 -0.22 39.75 0.09
N SER B 170 -0.24 41.01 -0.33
CA SER B 170 -1.33 41.91 0.02
C SER B 170 -2.60 41.51 -0.74
N GLY B 171 -3.73 41.60 -0.04
CA GLY B 171 -5.02 41.22 -0.57
C GLY B 171 -5.24 39.72 -0.68
N VAL B 172 -4.33 38.92 -0.13
CA VAL B 172 -4.36 37.47 -0.22
C VAL B 172 -4.83 36.79 1.06
N CYS B 173 -5.62 35.72 0.91
CA CYS B 173 -5.99 34.88 2.03
C CYS B 173 -6.08 33.44 1.59
N THR B 174 -5.19 32.60 2.12
CA THR B 174 -5.22 31.18 1.82
C THR B 174 -5.68 30.50 3.10
N ASP B 175 -6.59 29.52 2.98
CA ASP B 175 -7.07 28.72 4.13
C ASP B 175 -5.91 28.15 4.92
N PRO B 176 -5.88 28.36 6.24
CA PRO B 176 -4.77 27.87 7.06
C PRO B 176 -4.63 26.34 7.06
N GLN B 177 -5.76 25.60 6.90
CA GLN B 177 -5.78 24.14 6.82
C GLN B 177 -6.66 23.66 5.66
N PRO B 178 -6.18 22.67 4.88
CA PRO B 178 -6.99 22.12 3.78
C PRO B 178 -8.15 21.27 4.27
N LEU B 179 -9.23 21.20 3.46
CA LEU B 179 -10.39 20.35 3.72
C LEU B 179 -10.05 18.93 3.31
N LYS B 180 -10.62 17.95 4.00
CA LYS B 180 -10.51 16.57 3.57
C LYS B 180 -11.67 16.39 2.62
N GLU B 181 -11.41 15.86 1.43
CA GLU B 181 -12.46 15.63 0.46
C GLU B 181 -13.39 14.56 0.96
N GLN B 182 -12.85 13.47 1.51
CA GLN B 182 -13.63 12.39 2.11
C GLN B 182 -13.27 12.37 3.61
N PRO B 183 -13.98 13.10 4.48
CA PRO B 183 -13.59 13.19 5.89
C PRO B 183 -13.56 11.87 6.65
N ALA B 184 -14.48 10.94 6.32
CA ALA B 184 -14.52 9.64 6.96
C ALA B 184 -13.28 8.82 6.63
N LEU B 185 -12.82 8.86 5.35
CA LEU B 185 -11.64 8.11 4.94
C LEU B 185 -10.34 8.64 5.55
N ASN B 186 -9.39 7.74 5.80
CA ASN B 186 -8.12 8.09 6.44
C ASN B 186 -7.11 8.62 5.42
N ASP B 187 -7.02 7.96 4.25
CA ASP B 187 -6.09 8.37 3.19
C ASP B 187 -6.72 9.37 2.23
N SER B 188 -7.73 10.11 2.69
CA SER B 188 -8.49 11.10 1.96
C SER B 188 -7.60 12.13 1.30
N ARG B 189 -7.97 12.56 0.10
CA ARG B 189 -7.27 13.62 -0.59
C ARG B 189 -7.78 14.99 -0.09
N TYR B 190 -6.98 16.04 -0.27
CA TYR B 190 -7.31 17.37 0.22
C TYR B 190 -7.61 18.37 -0.86
N ALA B 191 -8.30 19.46 -0.45
CA ALA B 191 -8.63 20.61 -1.24
C ALA B 191 -8.22 21.86 -0.43
N LEU B 192 -7.69 22.87 -1.10
CA LEU B 192 -7.24 24.09 -0.48
C LEU B 192 -7.69 25.26 -1.35
N SER B 193 -8.19 26.32 -0.71
CA SER B 193 -8.60 27.49 -1.45
C SER B 193 -7.85 28.75 -1.01
N SER B 194 -7.78 29.70 -1.94
CA SER B 194 -7.12 30.98 -1.68
C SER B 194 -7.91 32.08 -2.39
N ARG B 195 -7.76 33.31 -1.93
CA ARG B 195 -8.39 34.46 -2.58
C ARG B 195 -7.33 35.54 -2.80
N LEU B 196 -7.49 36.32 -3.86
CA LEU B 196 -6.66 37.48 -4.14
C LEU B 196 -7.65 38.54 -4.53
N ARG B 197 -7.71 39.64 -3.77
CA ARG B 197 -8.65 40.69 -4.08
C ARG B 197 -7.91 41.94 -4.50
N VAL B 198 -8.34 42.52 -5.63
CA VAL B 198 -7.71 43.70 -6.22
C VAL B 198 -8.80 44.75 -6.48
N SER B 199 -8.43 46.00 -6.84
CA SER B 199 -9.46 46.96 -7.23
C SER B 199 -10.06 46.53 -8.59
N ALA B 200 -11.31 46.91 -8.88
CA ALA B 200 -11.97 46.58 -10.15
C ALA B 200 -11.16 47.11 -11.33
N THR B 201 -10.61 48.33 -11.18
CA THR B 201 -9.84 48.96 -12.23
C THR B 201 -8.51 48.19 -12.49
N PHE B 202 -7.96 47.48 -11.49
CA PHE B 202 -6.76 46.69 -11.70
C PHE B 202 -7.07 45.44 -12.49
N TRP B 203 -8.18 44.77 -12.16
CA TRP B 203 -8.60 43.59 -12.88
C TRP B 203 -9.02 43.98 -14.31
N GLN B 204 -9.68 45.11 -14.49
CA GLN B 204 -10.13 45.55 -15.81
C GLN B 204 -9.02 45.89 -16.83
N ASP B 205 -7.76 45.90 -16.41
CA ASP B 205 -6.65 46.19 -17.29
C ASP B 205 -6.15 44.86 -17.92
N PRO B 206 -6.30 44.73 -19.26
CA PRO B 206 -5.90 43.48 -19.94
C PRO B 206 -4.41 43.17 -19.99
N ARG B 207 -3.60 44.11 -19.50
CA ARG B 207 -2.16 43.96 -19.41
C ARG B 207 -1.77 43.17 -18.14
N ASN B 208 -2.65 43.13 -17.11
CA ASN B 208 -2.37 42.41 -15.88
C ASN B 208 -2.63 40.92 -15.97
N HIS B 209 -1.70 40.13 -15.47
CA HIS B 209 -1.70 38.68 -15.52
C HIS B 209 -1.66 38.16 -14.09
N PHE B 210 -2.53 37.22 -13.76
CA PHE B 210 -2.64 36.67 -12.42
C PHE B 210 -2.40 35.18 -12.49
N ARG B 211 -1.58 34.66 -11.60
CA ARG B 211 -1.27 33.24 -11.58
C ARG B 211 -1.41 32.72 -10.17
N CYS B 212 -1.89 31.50 -10.05
CA CYS B 212 -2.00 30.85 -8.79
C CYS B 212 -1.13 29.66 -8.92
N GLN B 213 -0.07 29.61 -8.13
CA GLN B 213 0.93 28.58 -8.24
C GLN B 213 0.95 27.71 -6.98
N VAL B 214 0.91 26.40 -7.15
CA VAL B 214 0.90 25.46 -6.05
C VAL B 214 2.14 24.53 -6.09
N GLN B 215 3.08 24.69 -5.14
CA GLN B 215 4.21 23.77 -5.06
C GLN B 215 3.75 22.52 -4.31
N PHE B 216 3.73 21.35 -4.99
CA PHE B 216 3.37 20.08 -4.36
C PHE B 216 4.65 19.25 -4.15
N TYR B 217 4.74 18.55 -3.00
CA TYR B 217 5.85 17.70 -2.63
C TYR B 217 5.33 16.25 -2.61
N GLY B 218 5.87 15.42 -3.48
CA GLY B 218 5.40 14.04 -3.60
C GLY B 218 6.52 13.06 -3.77
N LEU B 219 6.46 12.22 -4.79
CA LEU B 219 7.51 11.22 -5.02
C LEU B 219 8.78 11.82 -5.64
N SER B 220 9.88 11.06 -5.63
CA SER B 220 11.12 11.50 -6.25
C SER B 220 11.23 10.82 -7.61
N GLU B 221 12.04 11.38 -8.51
CA GLU B 221 12.24 10.77 -9.84
C GLU B 221 12.85 9.34 -9.77
N ASN B 222 13.46 8.98 -8.64
CA ASN B 222 14.06 7.66 -8.46
C ASN B 222 13.06 6.63 -7.89
N ASP B 223 11.89 7.08 -7.38
CA ASP B 223 10.90 6.17 -6.82
C ASP B 223 10.29 5.26 -7.89
N GLU B 224 9.87 4.05 -7.49
CA GLU B 224 9.22 3.13 -8.42
C GLU B 224 7.74 3.48 -8.60
N TRP B 225 7.23 3.32 -9.83
CA TRP B 225 5.85 3.65 -10.13
C TRP B 225 5.33 2.71 -11.23
N THR B 226 4.14 2.09 -11.03
CA THR B 226 3.52 1.16 -11.99
C THR B 226 2.18 1.60 -12.53
N GLN B 227 1.68 2.76 -12.12
CA GLN B 227 0.38 3.24 -12.58
C GLN B 227 0.45 3.82 -14.00
N ASP B 228 -0.69 3.84 -14.67
CA ASP B 228 -0.82 4.43 -15.99
C ASP B 228 -0.64 5.93 -15.88
N ARG B 229 -1.21 6.56 -14.83
CA ARG B 229 -1.02 7.99 -14.63
C ARG B 229 0.42 8.34 -14.32
N ALA B 230 0.80 9.60 -14.61
CA ALA B 230 2.13 10.16 -14.39
C ALA B 230 2.53 10.00 -12.95
N LYS B 231 3.80 9.60 -12.67
CA LYS B 231 4.34 9.45 -11.31
C LYS B 231 4.13 10.77 -10.56
N PRO B 232 3.45 10.72 -9.38
CA PRO B 232 3.11 11.96 -8.65
C PRO B 232 4.28 12.59 -7.93
N VAL B 233 5.25 13.08 -8.72
CA VAL B 233 6.45 13.70 -8.20
C VAL B 233 6.20 15.14 -7.69
N THR B 234 7.23 15.72 -7.03
CA THR B 234 7.31 17.08 -6.54
C THR B 234 7.31 17.94 -7.80
N GLN B 235 6.37 18.87 -7.83
CA GLN B 235 6.15 19.64 -9.03
C GLN B 235 5.34 20.85 -8.69
N ILE B 236 5.30 21.79 -9.64
CA ILE B 236 4.47 22.98 -9.50
C ILE B 236 3.30 22.83 -10.42
N VAL B 237 2.10 23.12 -9.91
CA VAL B 237 0.90 23.12 -10.71
C VAL B 237 0.29 24.50 -10.59
N SER B 238 -0.04 25.10 -11.73
CA SER B 238 -0.60 26.44 -11.72
C SER B 238 -1.73 26.66 -12.71
N ALA B 239 -2.55 27.68 -12.42
CA ALA B 239 -3.68 28.15 -13.24
C ALA B 239 -3.51 29.66 -13.37
N GLU B 240 -3.84 30.22 -14.53
CA GLU B 240 -3.67 31.65 -14.76
C GLU B 240 -4.91 32.35 -15.32
N ALA B 241 -4.99 33.66 -15.10
CA ALA B 241 -6.10 34.46 -15.56
C ALA B 241 -5.58 35.82 -15.98
N TRP B 242 -6.16 36.37 -17.05
CA TRP B 242 -5.77 37.69 -17.52
C TRP B 242 -6.84 38.69 -17.21
N GLY B 243 -6.45 39.95 -17.02
CA GLY B 243 -7.37 41.04 -16.79
C GLY B 243 -8.28 41.23 -17.99
N ARG B 244 -9.54 41.62 -17.75
CA ARG B 244 -10.56 41.75 -18.79
C ARG B 244 -11.41 43.00 -18.64
N ALA B 245 -11.38 43.89 -19.64
CA ALA B 245 -12.22 45.09 -19.62
C ALA B 245 -13.55 44.69 -20.29
N ASP B 246 -14.45 44.00 -19.55
CA ASP B 246 -15.72 43.55 -20.13
C ASP B 246 -16.80 44.66 -20.14
N GLN C 1 1.32 -5.97 3.53
CA GLN C 1 0.98 -7.38 3.53
C GLN C 1 -0.42 -7.62 2.93
N VAL C 2 -0.53 -7.46 1.60
CA VAL C 2 -1.74 -7.72 0.84
C VAL C 2 -1.92 -9.24 0.81
N GLN C 3 -3.13 -9.74 1.07
CA GLN C 3 -3.43 -11.17 1.10
C GLN C 3 -4.83 -11.46 0.55
N LEU C 4 -4.93 -12.39 -0.38
CA LEU C 4 -6.20 -12.80 -0.95
C LEU C 4 -6.42 -14.26 -0.57
N VAL C 5 -7.33 -14.52 0.39
CA VAL C 5 -7.61 -15.87 0.87
C VAL C 5 -8.89 -16.44 0.27
N GLN C 6 -8.73 -17.38 -0.64
CA GLN C 6 -9.84 -18.02 -1.34
C GLN C 6 -10.49 -19.15 -0.53
N SER C 7 -11.72 -19.53 -0.91
CA SER C 7 -12.42 -20.61 -0.25
C SER C 7 -11.82 -22.00 -0.59
N GLY C 8 -12.13 -23.01 0.24
CA GLY C 8 -11.62 -24.35 0.09
C GLY C 8 -12.12 -25.13 -1.12
N ALA C 9 -11.39 -26.18 -1.49
CA ALA C 9 -11.69 -27.06 -2.62
C ALA C 9 -13.06 -27.71 -2.49
N GLU C 10 -13.64 -28.10 -3.62
CA GLU C 10 -14.97 -28.68 -3.65
C GLU C 10 -15.15 -29.62 -4.82
N VAL C 11 -16.16 -30.51 -4.71
CA VAL C 11 -16.63 -31.38 -5.79
C VAL C 11 -18.09 -30.99 -6.01
N LYS C 12 -18.45 -30.75 -7.26
CA LYS C 12 -19.82 -30.43 -7.62
C LYS C 12 -20.27 -31.40 -8.72
N LYS C 13 -21.56 -31.74 -8.75
CA LYS C 13 -22.06 -32.64 -9.79
C LYS C 13 -22.22 -31.89 -11.11
N PRO C 14 -22.16 -32.62 -12.25
CA PRO C 14 -22.45 -31.95 -13.55
C PRO C 14 -23.84 -31.29 -13.54
N GLY C 15 -23.95 -30.08 -14.08
CA GLY C 15 -25.19 -29.32 -14.09
C GLY C 15 -25.34 -28.35 -12.93
N ALA C 16 -24.64 -28.62 -11.83
CA ALA C 16 -24.69 -27.83 -10.59
C ALA C 16 -23.93 -26.47 -10.67
N SER C 17 -24.02 -25.62 -9.63
CA SER C 17 -23.27 -24.38 -9.55
C SER C 17 -22.30 -24.41 -8.37
N VAL C 18 -21.22 -23.63 -8.48
CA VAL C 18 -20.21 -23.44 -7.47
C VAL C 18 -20.01 -21.91 -7.27
N LYS C 19 -19.88 -21.46 -6.02
CA LYS C 19 -19.59 -20.06 -5.74
C LYS C 19 -18.26 -20.04 -5.00
N VAL C 20 -17.22 -19.53 -5.65
CA VAL C 20 -15.88 -19.43 -5.06
C VAL C 20 -15.73 -18.05 -4.44
N SER C 21 -15.28 -17.97 -3.19
CA SER C 21 -15.08 -16.66 -2.54
C SER C 21 -13.60 -16.32 -2.45
N CYS C 22 -13.29 -15.05 -2.24
CA CYS C 22 -11.91 -14.57 -2.18
C CYS C 22 -11.89 -13.34 -1.25
N LYS C 23 -11.37 -13.53 -0.02
CA LYS C 23 -11.32 -12.48 1.00
C LYS C 23 -10.02 -11.73 0.93
N ALA C 24 -10.09 -10.41 0.77
CA ALA C 24 -8.93 -9.52 0.67
C ALA C 24 -8.57 -8.89 2.00
N SER C 25 -7.26 -8.72 2.24
CA SER C 25 -6.69 -8.08 3.44
C SER C 25 -5.49 -7.23 3.04
N GLY C 26 -5.18 -6.19 3.82
CA GLY C 26 -3.95 -5.43 3.64
C GLY C 26 -3.98 -4.30 2.65
N TYR C 27 -5.18 -3.96 2.19
CA TYR C 27 -5.38 -2.84 1.28
C TYR C 27 -6.85 -2.41 1.27
N LYS C 28 -7.13 -1.19 0.76
CA LYS C 28 -8.49 -0.70 0.66
C LYS C 28 -9.15 -1.48 -0.43
N PHE C 29 -10.03 -2.41 -0.04
CA PHE C 29 -10.69 -3.34 -0.96
C PHE C 29 -11.36 -2.67 -2.18
N THR C 30 -12.13 -1.58 -1.99
CA THR C 30 -12.82 -0.94 -3.12
C THR C 30 -11.90 -0.28 -4.13
N GLY C 31 -10.62 -0.14 -3.82
CA GLY C 31 -9.69 0.56 -4.69
C GLY C 31 -9.08 -0.18 -5.85
N PHE C 32 -9.20 -1.51 -5.86
CA PHE C 32 -8.58 -2.33 -6.89
C PHE C 32 -9.54 -3.32 -7.49
N VAL C 33 -9.37 -3.58 -8.78
CA VAL C 33 -10.22 -4.50 -9.51
C VAL C 33 -9.84 -5.95 -9.17
N MET C 34 -10.84 -6.86 -9.08
CA MET C 34 -10.57 -8.27 -8.78
C MET C 34 -10.93 -9.12 -9.99
N HIS C 35 -9.94 -9.74 -10.63
CA HIS C 35 -10.12 -10.61 -11.79
C HIS C 35 -10.18 -12.09 -11.37
N TRP C 36 -10.76 -12.92 -12.24
CA TRP C 36 -10.80 -14.35 -12.01
C TRP C 36 -10.16 -15.00 -13.20
N VAL C 37 -9.21 -15.87 -12.93
CA VAL C 37 -8.46 -16.61 -13.92
C VAL C 37 -8.56 -18.10 -13.51
N ARG C 38 -8.80 -18.99 -14.47
CA ARG C 38 -8.84 -20.42 -14.16
C ARG C 38 -7.70 -21.18 -14.88
N GLN C 39 -7.35 -22.35 -14.35
CA GLN C 39 -6.33 -23.20 -14.95
C GLN C 39 -6.73 -24.67 -14.83
N ALA C 40 -7.02 -25.32 -15.95
CA ALA C 40 -7.32 -26.75 -15.95
C ALA C 40 -6.05 -27.56 -15.64
N PRO C 41 -6.17 -28.78 -15.07
CA PRO C 41 -4.94 -29.56 -14.76
C PRO C 41 -3.97 -29.77 -15.93
N GLY C 42 -2.71 -29.39 -15.69
CA GLY C 42 -1.62 -29.43 -16.67
C GLY C 42 -1.80 -28.49 -17.85
N GLN C 43 -2.80 -27.58 -17.76
CA GLN C 43 -3.14 -26.64 -18.83
C GLN C 43 -2.78 -25.20 -18.50
N GLY C 44 -2.98 -24.31 -19.47
CA GLY C 44 -2.68 -22.89 -19.33
C GLY C 44 -3.68 -22.05 -18.55
N LEU C 45 -3.57 -20.73 -18.72
CA LEU C 45 -4.37 -19.78 -17.99
C LEU C 45 -5.50 -19.25 -18.85
N GLU C 46 -6.67 -19.04 -18.25
CA GLU C 46 -7.82 -18.52 -18.96
C GLU C 46 -8.47 -17.45 -18.12
N TRP C 47 -8.57 -16.21 -18.62
CA TRP C 47 -9.18 -15.13 -17.87
C TRP C 47 -10.70 -15.27 -18.03
N MET C 48 -11.42 -15.19 -16.92
CA MET C 48 -12.87 -15.34 -16.90
C MET C 48 -13.63 -14.03 -16.85
N GLY C 49 -13.15 -13.10 -16.08
CA GLY C 49 -13.81 -11.80 -15.92
C GLY C 49 -13.26 -11.02 -14.74
N PHE C 50 -13.91 -9.89 -14.39
CA PHE C 50 -13.51 -9.09 -13.24
C PHE C 50 -14.67 -8.35 -12.58
N ILE C 51 -14.44 -7.79 -11.39
CA ILE C 51 -15.40 -6.92 -10.75
C ILE C 51 -14.65 -5.74 -10.15
N ASN C 52 -15.22 -4.56 -10.30
CA ASN C 52 -14.66 -3.36 -9.70
C ASN C 52 -15.53 -3.22 -8.46
N PRO C 53 -14.98 -3.54 -7.28
CA PRO C 53 -15.80 -3.54 -6.05
C PRO C 53 -16.37 -2.19 -5.67
N TYR C 54 -15.86 -1.10 -6.24
CA TYR C 54 -16.33 0.23 -5.92
C TYR C 54 -17.68 0.53 -6.54
N ASN C 55 -17.85 0.24 -7.83
CA ASN C 55 -19.08 0.60 -8.54
C ASN C 55 -19.87 -0.61 -9.10
N ASP C 56 -19.40 -1.83 -8.80
CA ASP C 56 -20.03 -3.06 -9.26
C ASP C 56 -19.84 -3.28 -10.75
N ASP C 57 -18.91 -2.54 -11.42
CA ASP C 57 -18.66 -2.70 -12.86
C ASP C 57 -18.04 -4.07 -13.09
N ILE C 58 -18.48 -4.79 -14.13
CA ILE C 58 -17.94 -6.11 -14.44
C ILE C 58 -17.53 -6.20 -15.91
N GLN C 59 -16.56 -7.04 -16.23
CA GLN C 59 -16.19 -7.36 -17.60
C GLN C 59 -16.03 -8.88 -17.66
N SER C 60 -16.43 -9.51 -18.77
CA SER C 60 -16.55 -10.95 -18.92
C SER C 60 -15.87 -11.53 -20.15
N ASN C 61 -15.52 -12.80 -20.07
CA ASN C 61 -15.05 -13.54 -21.21
C ASN C 61 -16.33 -14.14 -21.78
N GLU C 62 -16.62 -13.86 -23.07
CA GLU C 62 -17.79 -14.35 -23.79
C GLU C 62 -18.03 -15.86 -23.58
N ARG C 63 -16.95 -16.64 -23.55
CA ARG C 63 -16.92 -18.09 -23.35
C ARG C 63 -17.71 -18.55 -22.09
N PHE C 64 -17.77 -17.69 -21.07
CA PHE C 64 -18.51 -18.03 -19.84
C PHE C 64 -19.78 -17.18 -19.64
N ARG C 65 -20.08 -16.24 -20.54
CA ARG C 65 -21.27 -15.37 -20.42
C ARG C 65 -22.52 -16.23 -20.47
N GLY C 66 -23.38 -16.02 -19.50
CA GLY C 66 -24.56 -16.86 -19.34
C GLY C 66 -24.38 -17.84 -18.19
N ARG C 67 -23.11 -18.11 -17.76
CA ARG C 67 -22.78 -19.04 -16.67
C ARG C 67 -22.06 -18.39 -15.53
N VAL C 68 -21.20 -17.42 -15.82
CA VAL C 68 -20.41 -16.73 -14.79
C VAL C 68 -21.14 -15.46 -14.27
N THR C 69 -21.09 -15.28 -12.95
CA THR C 69 -21.65 -14.16 -12.21
C THR C 69 -20.63 -13.75 -11.20
N MET C 70 -20.12 -12.52 -11.30
CA MET C 70 -19.18 -11.97 -10.35
C MET C 70 -19.86 -10.92 -9.53
N THR C 71 -19.83 -11.13 -8.21
CA THR C 71 -20.38 -10.24 -7.21
C THR C 71 -19.30 -9.90 -6.12
N ARG C 72 -19.61 -9.00 -5.20
CA ARG C 72 -18.70 -8.61 -4.13
C ARG C 72 -19.52 -8.13 -2.91
N ASP C 73 -18.91 -8.18 -1.71
CA ASP C 73 -19.52 -7.70 -0.48
C ASP C 73 -18.47 -6.87 0.21
N THR C 74 -18.52 -5.55 0.03
CA THR C 74 -17.58 -4.59 0.58
C THR C 74 -17.43 -4.66 2.15
N SER C 75 -18.51 -4.99 2.89
CA SER C 75 -18.47 -5.12 4.35
C SER C 75 -17.57 -6.25 4.83
N ILE C 76 -17.39 -7.30 4.02
CA ILE C 76 -16.47 -8.39 4.38
C ILE C 76 -15.33 -8.53 3.38
N SER C 77 -15.02 -7.45 2.60
CA SER C 77 -13.92 -7.41 1.64
C SER C 77 -13.81 -8.69 0.79
N THR C 78 -14.96 -9.29 0.42
CA THR C 78 -14.96 -10.55 -0.33
C THR C 78 -15.55 -10.40 -1.73
N ALA C 79 -14.90 -11.02 -2.70
CA ALA C 79 -15.37 -11.06 -4.08
C ALA C 79 -15.75 -12.52 -4.37
N TYR C 80 -16.85 -12.73 -5.09
CA TYR C 80 -17.30 -14.07 -5.42
C TYR C 80 -17.36 -14.27 -6.91
N MET C 81 -17.23 -15.51 -7.32
CA MET C 81 -17.33 -15.87 -8.71
C MET C 81 -18.18 -17.11 -8.69
N GLU C 82 -19.41 -17.00 -9.21
CA GLU C 82 -20.29 -18.14 -9.28
C GLU C 82 -20.28 -18.67 -10.68
N LEU C 83 -20.07 -19.98 -10.88
CA LEU C 83 -20.09 -20.54 -12.22
C LEU C 83 -21.18 -21.62 -12.31
N SER C 84 -22.14 -21.48 -13.22
CA SER C 84 -23.28 -22.38 -13.34
C SER C 84 -23.20 -23.43 -14.41
N ARG C 85 -24.12 -24.42 -14.36
CA ARG C 85 -24.28 -25.51 -15.33
C ARG C 85 -22.95 -26.18 -15.60
N LEU C 86 -22.24 -26.48 -14.50
CA LEU C 86 -20.92 -27.06 -14.50
C LEU C 86 -20.81 -28.29 -15.38
N ARG C 87 -19.89 -28.21 -16.31
CA ARG C 87 -19.54 -29.24 -17.27
C ARG C 87 -18.25 -29.88 -16.77
N SER C 88 -18.00 -31.12 -17.15
CA SER C 88 -16.83 -31.87 -16.70
C SER C 88 -15.51 -31.14 -16.99
N ASP C 89 -15.44 -30.37 -18.09
CA ASP C 89 -14.22 -29.64 -18.40
C ASP C 89 -14.13 -28.26 -17.68
N ASP C 90 -14.93 -28.06 -16.62
CA ASP C 90 -14.84 -26.92 -15.73
C ASP C 90 -13.97 -27.27 -14.51
N THR C 91 -13.43 -28.52 -14.42
CA THR C 91 -12.52 -28.98 -13.38
C THR C 91 -11.26 -28.18 -13.60
N ALA C 92 -10.91 -27.31 -12.65
CA ALA C 92 -9.79 -26.40 -12.77
C ALA C 92 -9.48 -25.76 -11.40
N VAL C 93 -8.30 -25.12 -11.27
CA VAL C 93 -8.00 -24.31 -10.12
C VAL C 93 -8.51 -22.89 -10.49
N TYR C 94 -9.34 -22.30 -9.62
CA TYR C 94 -9.91 -20.97 -9.86
C TYR C 94 -9.20 -19.92 -8.99
N TYR C 95 -8.56 -18.94 -9.63
CA TYR C 95 -7.82 -17.89 -8.93
C TYR C 95 -8.54 -16.56 -8.97
N CYS C 96 -8.35 -15.76 -7.92
CA CYS C 96 -8.75 -14.36 -7.90
C CYS C 96 -7.41 -13.63 -7.96
N ALA C 97 -7.33 -12.56 -8.72
CA ALA C 97 -6.08 -11.83 -8.94
C ALA C 97 -6.42 -10.35 -8.90
N ARG C 98 -5.66 -9.55 -8.15
CA ARG C 98 -5.90 -8.13 -8.00
C ARG C 98 -5.24 -7.35 -9.13
N GLY C 99 -5.99 -6.46 -9.77
CA GLY C 99 -5.42 -5.58 -10.78
C GLY C 99 -4.57 -4.55 -10.08
N ASN C 100 -3.46 -4.15 -10.70
CA ASN C 100 -2.51 -3.26 -10.04
C ASN C 100 -2.97 -1.78 -9.92
N GLY C 101 -3.98 -1.40 -10.69
CA GLY C 101 -4.46 -0.04 -10.73
C GLY C 101 -5.34 0.39 -9.59
N TYR C 102 -4.86 1.34 -8.81
CA TYR C 102 -5.62 1.89 -7.70
C TYR C 102 -6.53 3.01 -8.21
N ASN C 103 -7.73 3.10 -7.63
CA ASN C 103 -8.70 4.18 -7.87
C ASN C 103 -8.97 4.47 -9.34
N PHE C 104 -9.37 3.45 -10.10
CA PHE C 104 -9.74 3.61 -11.50
C PHE C 104 -8.56 3.73 -12.47
N ASP C 105 -7.33 3.57 -11.98
CA ASP C 105 -6.15 3.61 -12.86
C ASP C 105 -6.12 2.39 -13.80
N GLY C 106 -5.65 2.61 -15.04
CA GLY C 106 -5.62 1.59 -16.09
C GLY C 106 -4.71 0.42 -15.86
N ALA C 107 -3.81 0.54 -14.87
CA ALA C 107 -2.91 -0.56 -14.48
C ALA C 107 -3.70 -1.76 -13.97
N TYR C 108 -5.05 -1.68 -13.87
CA TYR C 108 -5.86 -2.81 -13.45
C TYR C 108 -5.76 -4.00 -14.44
N ARG C 109 -5.31 -3.73 -15.68
CA ARG C 109 -5.17 -4.71 -16.73
C ARG C 109 -4.00 -5.68 -16.50
N PHE C 110 -3.17 -5.46 -15.46
CA PHE C 110 -2.12 -6.40 -15.09
C PHE C 110 -2.19 -6.68 -13.59
N PHE C 111 -1.96 -7.93 -13.20
CA PHE C 111 -2.22 -8.42 -11.84
C PHE C 111 -0.98 -8.53 -10.95
N ASP C 112 -1.08 -7.99 -9.72
CA ASP C 112 0.04 -8.04 -8.80
C ASP C 112 -0.10 -9.12 -7.75
N PHE C 113 -1.27 -9.30 -7.15
CA PHE C 113 -1.48 -10.32 -6.12
C PHE C 113 -2.51 -11.33 -6.54
N TRP C 114 -2.31 -12.59 -6.17
CA TRP C 114 -3.20 -13.68 -6.55
C TRP C 114 -3.59 -14.45 -5.31
N GLY C 115 -4.80 -14.99 -5.31
CA GLY C 115 -5.22 -15.88 -4.24
C GLY C 115 -4.46 -17.19 -4.34
N GLN C 116 -4.70 -18.13 -3.39
CA GLN C 116 -4.01 -19.42 -3.45
C GLN C 116 -4.62 -20.42 -4.46
N GLY C 117 -5.82 -20.13 -4.94
CA GLY C 117 -6.55 -20.99 -5.85
C GLY C 117 -7.57 -21.84 -5.14
N THR C 118 -8.65 -22.18 -5.84
CA THR C 118 -9.69 -23.05 -5.29
C THR C 118 -9.93 -24.09 -6.33
N MET C 119 -9.49 -25.32 -6.07
N MET C 119 -9.50 -25.32 -6.06
CA MET C 119 -9.66 -26.42 -7.02
CA MET C 119 -9.68 -26.41 -7.01
C MET C 119 -11.09 -26.93 -6.96
C MET C 119 -11.11 -26.90 -6.95
N VAL C 120 -11.79 -26.91 -8.09
CA VAL C 120 -13.16 -27.38 -8.18
C VAL C 120 -13.19 -28.57 -9.12
N THR C 121 -13.70 -29.72 -8.66
CA THR C 121 -13.83 -30.90 -9.50
C THR C 121 -15.28 -31.09 -9.88
N VAL C 122 -15.57 -31.22 -11.17
CA VAL C 122 -16.94 -31.48 -11.61
C VAL C 122 -17.01 -33.00 -11.76
N SER C 123 -17.78 -33.66 -10.88
CA SER C 123 -17.83 -35.10 -10.87
C SER C 123 -19.07 -35.63 -10.15
N SER C 124 -19.59 -36.76 -10.61
CA SER C 124 -20.74 -37.41 -9.97
C SER C 124 -20.30 -38.36 -8.82
N ALA C 125 -18.97 -38.51 -8.59
CA ALA C 125 -18.36 -39.32 -7.56
C ALA C 125 -18.40 -38.64 -6.20
N SER C 126 -18.61 -39.42 -5.11
CA SER C 126 -18.70 -38.92 -3.73
C SER C 126 -17.36 -38.56 -3.09
N THR C 127 -17.37 -37.51 -2.25
CA THR C 127 -16.23 -37.05 -1.45
C THR C 127 -15.83 -38.13 -0.46
N LYS C 128 -14.53 -38.27 -0.20
CA LYS C 128 -14.02 -39.22 0.77
C LYS C 128 -12.75 -38.65 1.34
N GLY C 129 -12.65 -38.56 2.66
CA GLY C 129 -11.44 -38.08 3.32
C GLY C 129 -10.36 -39.14 3.28
N PRO C 130 -9.09 -38.76 3.46
CA PRO C 130 -8.02 -39.75 3.38
C PRO C 130 -7.67 -40.41 4.70
N SER C 131 -6.99 -41.56 4.61
CA SER C 131 -6.39 -42.25 5.75
C SER C 131 -4.90 -41.85 5.68
N VAL C 132 -4.26 -41.62 6.83
CA VAL C 132 -2.88 -41.15 6.84
C VAL C 132 -1.97 -42.14 7.56
N PHE C 133 -0.90 -42.64 6.90
CA PHE C 133 -0.01 -43.63 7.50
C PHE C 133 1.40 -43.14 7.54
N PRO C 134 2.18 -43.49 8.58
CA PRO C 134 3.59 -43.08 8.60
C PRO C 134 4.46 -43.87 7.61
N LEU C 135 5.51 -43.22 7.07
CA LEU C 135 6.54 -43.83 6.23
C LEU C 135 7.73 -43.70 7.15
N ALA C 136 7.87 -44.65 8.07
CA ALA C 136 8.83 -44.65 9.16
C ALA C 136 10.32 -44.68 8.75
N PRO C 137 11.16 -43.89 9.44
CA PRO C 137 12.61 -43.85 9.10
C PRO C 137 13.33 -45.18 9.17
N GLY C 145 24.25 -40.84 7.33
CA GLY C 145 24.23 -39.42 7.65
C GLY C 145 22.82 -38.85 7.60
N THR C 146 22.04 -39.19 6.55
CA THR C 146 20.66 -38.69 6.46
C THR C 146 19.64 -39.79 6.28
N ALA C 147 18.49 -39.67 6.96
CA ALA C 147 17.38 -40.63 6.90
C ALA C 147 16.17 -40.00 6.23
N ALA C 148 15.40 -40.80 5.49
CA ALA C 148 14.17 -40.33 4.89
C ALA C 148 12.96 -40.83 5.68
N LEU C 149 11.94 -40.00 5.80
CA LEU C 149 10.69 -40.35 6.45
C LEU C 149 9.56 -39.56 5.78
N GLY C 150 8.33 -40.02 5.93
CA GLY C 150 7.20 -39.34 5.31
C GLY C 150 5.85 -39.81 5.80
N CYS C 151 4.82 -39.49 5.05
N CYS C 151 4.79 -39.46 5.08
CA CYS C 151 3.45 -39.87 5.33
CA CYS C 151 3.45 -39.96 5.39
C CYS C 151 2.84 -40.35 4.03
C CYS C 151 2.67 -40.20 4.13
N LEU C 152 1.94 -41.33 4.12
CA LEU C 152 1.19 -41.82 2.98
C LEU C 152 -0.23 -41.41 3.17
N VAL C 153 -0.72 -40.53 2.32
CA VAL C 153 -2.09 -40.02 2.35
C VAL C 153 -2.88 -40.80 1.32
N LYS C 154 -3.62 -41.81 1.78
CA LYS C 154 -4.33 -42.70 0.91
C LYS C 154 -5.85 -42.54 0.84
N ASP C 155 -6.42 -42.82 -0.35
CA ASP C 155 -7.85 -42.95 -0.69
C ASP C 155 -8.74 -41.75 -0.37
N TYR C 156 -8.54 -40.68 -1.12
CA TYR C 156 -9.34 -39.51 -0.96
C TYR C 156 -9.95 -39.07 -2.29
N PHE C 157 -10.99 -38.26 -2.20
CA PHE C 157 -11.63 -37.71 -3.35
C PHE C 157 -12.40 -36.47 -2.91
N PRO C 158 -12.34 -35.36 -3.67
CA PRO C 158 -11.52 -35.14 -4.86
C PRO C 158 -10.14 -34.59 -4.46
N GLU C 159 -9.39 -34.08 -5.44
CA GLU C 159 -8.14 -33.42 -5.16
C GLU C 159 -8.50 -32.00 -4.64
N PRO C 160 -7.66 -31.37 -3.82
CA PRO C 160 -6.34 -31.78 -3.37
C PRO C 160 -6.28 -32.07 -1.86
N VAL C 161 -5.09 -32.49 -1.39
CA VAL C 161 -4.73 -32.56 0.00
C VAL C 161 -3.51 -31.66 0.10
N THR C 162 -3.38 -30.98 1.25
CA THR C 162 -2.18 -30.20 1.53
C THR C 162 -1.44 -30.94 2.61
N VAL C 163 -0.10 -30.92 2.56
CA VAL C 163 0.70 -31.58 3.60
C VAL C 163 1.77 -30.60 4.05
N SER C 164 1.95 -30.44 5.35
CA SER C 164 3.02 -29.61 5.90
C SER C 164 3.77 -30.40 7.00
N TRP C 165 4.99 -29.99 7.34
CA TRP C 165 5.76 -30.69 8.36
C TRP C 165 6.00 -29.77 9.55
N ASN C 166 5.70 -30.30 10.75
CA ASN C 166 5.88 -29.61 12.00
C ASN C 166 5.20 -28.24 12.03
N SER C 167 4.01 -28.18 11.46
CA SER C 167 3.18 -26.99 11.36
C SER C 167 3.76 -25.88 10.47
N GLY C 168 4.62 -26.27 9.53
CA GLY C 168 5.24 -25.33 8.59
C GLY C 168 6.66 -24.94 8.94
N ALA C 169 7.20 -25.46 10.06
CA ALA C 169 8.55 -25.20 10.57
C ALA C 169 9.64 -26.09 9.94
N LEU C 170 9.24 -27.11 9.17
CA LEU C 170 10.18 -27.99 8.49
C LEU C 170 9.81 -27.90 7.00
N THR C 171 10.66 -27.25 6.22
CA THR C 171 10.45 -27.03 4.80
C THR C 171 11.59 -27.61 3.97
N SER C 172 12.80 -27.51 4.47
CA SER C 172 13.98 -27.95 3.78
C SER C 172 14.05 -29.48 3.63
N GLY C 173 14.25 -29.94 2.41
CA GLY C 173 14.31 -31.37 2.12
C GLY C 173 12.97 -32.06 1.96
N VAL C 174 11.86 -31.27 2.03
CA VAL C 174 10.50 -31.78 1.91
C VAL C 174 10.05 -31.96 0.45
N HIS C 175 9.51 -33.12 0.13
CA HIS C 175 9.00 -33.40 -1.20
C HIS C 175 7.60 -33.93 -1.11
N THR C 176 6.63 -33.14 -1.54
CA THR C 176 5.25 -33.59 -1.60
C THR C 176 5.00 -33.92 -3.06
N PHE C 177 4.64 -35.16 -3.32
CA PHE C 177 4.49 -35.69 -4.66
C PHE C 177 3.14 -35.47 -5.24
N PRO C 178 3.05 -35.32 -6.58
CA PRO C 178 1.71 -35.27 -7.21
C PRO C 178 0.94 -36.58 -6.98
N ALA C 179 -0.35 -36.47 -6.67
CA ALA C 179 -1.19 -37.61 -6.39
C ALA C 179 -1.33 -38.52 -7.59
N VAL C 180 -1.58 -39.81 -7.33
CA VAL C 180 -1.84 -40.77 -8.38
C VAL C 180 -3.34 -41.17 -8.25
N LEU C 181 -4.02 -41.30 -9.39
CA LEU C 181 -5.39 -41.78 -9.38
C LEU C 181 -5.33 -43.32 -9.40
N GLN C 182 -5.84 -43.94 -8.35
CA GLN C 182 -5.87 -45.40 -8.27
C GLN C 182 -7.03 -45.98 -9.10
N SER C 183 -7.00 -47.31 -9.37
CA SER C 183 -8.08 -47.92 -10.16
C SER C 183 -9.46 -47.85 -9.49
N SER C 184 -9.48 -47.62 -8.17
CA SER C 184 -10.70 -47.46 -7.39
C SER C 184 -11.43 -46.13 -7.68
N GLY C 185 -10.73 -45.15 -8.25
CA GLY C 185 -11.29 -43.83 -8.49
C GLY C 185 -10.89 -42.81 -7.44
N LEU C 186 -10.12 -43.25 -6.42
CA LEU C 186 -9.64 -42.44 -5.32
C LEU C 186 -8.16 -42.14 -5.53
N TYR C 187 -7.71 -41.00 -5.00
CA TYR C 187 -6.32 -40.56 -5.09
C TYR C 187 -5.48 -41.00 -3.91
N SER C 188 -4.19 -40.98 -4.11
CA SER C 188 -3.23 -41.34 -3.09
C SER C 188 -1.97 -40.53 -3.32
N LEU C 189 -1.34 -40.03 -2.25
CA LEU C 189 -0.09 -39.31 -2.40
C LEU C 189 0.87 -39.50 -1.21
N SER C 190 2.15 -39.26 -1.45
CA SER C 190 3.12 -39.32 -0.36
C SER C 190 3.86 -37.99 -0.19
N SER C 191 4.23 -37.68 1.04
CA SER C 191 5.06 -36.53 1.35
C SER C 191 6.24 -37.09 2.11
N VAL C 192 7.44 -36.73 1.71
CA VAL C 192 8.65 -37.23 2.34
C VAL C 192 9.57 -36.06 2.73
N VAL C 193 10.50 -36.32 3.64
CA VAL C 193 11.47 -35.35 4.09
C VAL C 193 12.73 -36.08 4.48
N THR C 194 13.89 -35.58 4.04
CA THR C 194 15.17 -36.19 4.41
C THR C 194 15.74 -35.34 5.55
N VAL C 195 16.10 -35.99 6.67
CA VAL C 195 16.61 -35.29 7.86
C VAL C 195 17.92 -35.93 8.34
N PRO C 196 18.71 -35.26 9.22
CA PRO C 196 19.92 -35.90 9.74
C PRO C 196 19.54 -37.14 10.54
N SER C 197 20.25 -38.24 10.28
CA SER C 197 20.06 -39.54 10.90
C SER C 197 20.23 -39.50 12.43
N SER C 198 21.14 -38.60 12.88
CA SER C 198 21.52 -38.28 14.25
C SER C 198 20.59 -37.17 14.76
N SER C 199 19.29 -37.44 14.71
CA SER C 199 18.19 -36.56 15.13
C SER C 199 16.86 -37.33 15.28
N LEU C 200 16.79 -38.57 14.78
CA LEU C 200 15.58 -39.37 14.86
C LEU C 200 15.08 -39.62 16.29
N GLY C 201 15.99 -39.71 17.25
CA GLY C 201 15.60 -39.91 18.64
C GLY C 201 15.55 -38.64 19.47
N THR C 202 15.47 -37.46 18.81
CA THR C 202 15.46 -36.19 19.54
C THR C 202 14.42 -35.22 18.97
N GLN C 203 14.28 -35.22 17.64
CA GLN C 203 13.34 -34.33 16.97
C GLN C 203 12.00 -35.01 16.62
N THR C 204 10.89 -34.40 17.02
CA THR C 204 9.56 -34.89 16.73
C THR C 204 9.20 -34.52 15.28
N TYR C 205 8.71 -35.51 14.52
CA TYR C 205 8.31 -35.33 13.14
C TYR C 205 6.83 -35.58 13.01
N ILE C 206 6.06 -34.55 12.67
CA ILE C 206 4.62 -34.68 12.50
C ILE C 206 4.24 -34.12 11.14
N CYS C 207 3.39 -34.84 10.39
CA CYS C 207 2.92 -34.33 9.11
C CYS C 207 1.48 -33.89 9.24
N ASN C 208 1.22 -32.69 8.75
CA ASN C 208 -0.09 -32.09 8.87
C ASN C 208 -0.82 -32.17 7.55
N VAL C 209 -1.69 -33.17 7.44
CA VAL C 209 -2.48 -33.39 6.25
C VAL C 209 -3.85 -32.71 6.38
N ASN C 210 -4.29 -32.02 5.32
CA ASN C 210 -5.58 -31.37 5.31
C ASN C 210 -6.33 -31.73 4.01
N HIS C 211 -7.57 -32.24 4.12
CA HIS C 211 -8.42 -32.50 2.96
C HIS C 211 -9.68 -31.67 3.20
N LYS C 212 -9.69 -30.44 2.65
CA LYS C 212 -10.81 -29.54 2.86
C LYS C 212 -12.15 -30.09 2.35
N PRO C 213 -12.28 -30.72 1.15
CA PRO C 213 -13.61 -31.19 0.73
C PRO C 213 -14.35 -32.06 1.74
N SER C 214 -13.61 -32.76 2.61
CA SER C 214 -14.23 -33.59 3.64
C SER C 214 -14.00 -33.06 5.06
N ASN C 215 -13.39 -31.88 5.23
CA ASN C 215 -13.03 -31.24 6.49
C ASN C 215 -12.12 -32.15 7.33
N THR C 216 -11.13 -32.81 6.68
CA THR C 216 -10.24 -33.72 7.39
C THR C 216 -8.97 -32.97 7.75
N LYS C 217 -8.55 -33.04 9.00
CA LYS C 217 -7.32 -32.41 9.45
C LYS C 217 -6.66 -33.45 10.31
N VAL C 218 -5.52 -33.99 9.85
CA VAL C 218 -4.84 -35.06 10.55
C VAL C 218 -3.41 -34.67 10.87
N ASP C 219 -2.94 -34.98 12.09
CA ASP C 219 -1.56 -34.69 12.46
C ASP C 219 -0.93 -36.01 12.80
N LYS C 220 -0.17 -36.57 11.86
CA LYS C 220 0.41 -37.89 12.07
C LYS C 220 1.86 -37.84 12.54
N LYS C 221 2.14 -38.43 13.72
CA LYS C 221 3.48 -38.51 14.28
C LYS C 221 4.23 -39.61 13.55
N VAL C 222 5.43 -39.33 13.04
CA VAL C 222 6.23 -40.33 12.34
C VAL C 222 7.46 -40.67 13.18
N GLU C 223 7.52 -41.91 13.70
CA GLU C 223 8.61 -42.31 14.59
C GLU C 223 9.36 -43.53 14.05
N PRO C 224 10.63 -43.73 14.45
CA PRO C 224 11.34 -44.96 14.05
C PRO C 224 10.66 -46.20 14.66
N LYS C 225 10.64 -47.32 13.93
CA LYS C 225 10.00 -48.54 14.41
C LYS C 225 10.66 -49.04 15.70
N ASP D 1 -11.49 -13.89 -30.03
CA ASP D 1 -10.34 -13.68 -29.14
C ASP D 1 -9.05 -13.37 -29.91
N ILE D 2 -8.08 -12.71 -29.25
CA ILE D 2 -6.75 -12.48 -29.82
C ILE D 2 -5.90 -13.71 -29.42
N VAL D 3 -5.31 -14.38 -30.40
CA VAL D 3 -4.50 -15.58 -30.11
C VAL D 3 -3.03 -15.26 -29.84
N MET D 4 -2.55 -15.64 -28.65
CA MET D 4 -1.16 -15.42 -28.25
C MET D 4 -0.42 -16.71 -28.44
N THR D 5 0.71 -16.67 -29.15
CA THR D 5 1.52 -17.82 -29.51
C THR D 5 2.96 -17.71 -29.02
N GLN D 6 3.41 -18.66 -28.18
CA GLN D 6 4.77 -18.64 -27.67
C GLN D 6 5.71 -19.63 -28.36
N SER D 7 7.00 -19.30 -28.34
CA SER D 7 8.02 -20.06 -29.01
C SER D 7 9.35 -19.85 -28.28
N PRO D 8 10.10 -20.90 -27.85
CA PRO D 8 9.73 -22.33 -27.89
C PRO D 8 8.71 -22.63 -26.80
N LEU D 9 8.10 -23.80 -26.86
CA LEU D 9 7.17 -24.21 -25.80
C LEU D 9 7.88 -24.92 -24.64
N SER D 10 9.15 -25.25 -24.82
CA SER D 10 9.97 -25.87 -23.82
C SER D 10 11.38 -25.31 -24.07
N LEU D 11 12.09 -24.90 -23.02
CA LEU D 11 13.38 -24.25 -23.16
C LEU D 11 14.45 -24.75 -22.19
N PRO D 12 15.29 -25.74 -22.58
CA PRO D 12 16.39 -26.16 -21.69
C PRO D 12 17.51 -25.15 -21.78
N VAL D 13 18.04 -24.74 -20.62
CA VAL D 13 19.08 -23.72 -20.49
C VAL D 13 19.96 -24.02 -19.27
N THR D 14 21.28 -23.90 -19.43
CA THR D 14 22.25 -24.10 -18.34
C THR D 14 22.31 -22.79 -17.53
N PRO D 15 22.37 -22.82 -16.18
CA PRO D 15 22.49 -21.54 -15.43
C PRO D 15 23.68 -20.70 -15.87
N GLY D 16 23.52 -19.40 -15.88
CA GLY D 16 24.57 -18.48 -16.32
C GLY D 16 24.41 -18.08 -17.78
N GLU D 17 23.66 -18.89 -18.56
CA GLU D 17 23.39 -18.66 -19.97
C GLU D 17 22.16 -17.79 -20.15
N PRO D 18 22.11 -17.04 -21.26
CA PRO D 18 20.93 -16.23 -21.54
C PRO D 18 19.78 -17.08 -22.10
N ALA D 19 18.56 -16.57 -22.03
CA ALA D 19 17.39 -17.24 -22.58
C ALA D 19 16.45 -16.22 -23.22
N SER D 20 15.66 -16.65 -24.22
CA SER D 20 14.70 -15.80 -24.91
C SER D 20 13.41 -16.54 -25.21
N ILE D 21 12.28 -15.94 -24.86
CA ILE D 21 10.98 -16.51 -25.12
C ILE D 21 10.22 -15.55 -26.01
N SER D 22 9.85 -16.02 -27.20
CA SER D 22 9.13 -15.22 -28.17
C SER D 22 7.62 -15.34 -27.98
N CYS D 23 6.89 -14.27 -28.27
CA CYS D 23 5.44 -14.20 -28.13
C CYS D 23 4.91 -13.47 -29.36
N ARG D 24 3.98 -14.08 -30.08
CA ARG D 24 3.40 -13.49 -31.28
C ARG D 24 1.90 -13.37 -31.08
N SER D 25 1.32 -12.20 -31.34
CA SER D 25 -0.12 -12.05 -31.20
C SER D 25 -0.82 -12.01 -32.57
N SER D 26 -2.08 -12.46 -32.62
CA SER D 26 -2.84 -12.45 -33.87
C SER D 26 -3.27 -11.06 -34.31
N GLN D 27 -3.21 -10.07 -33.41
CA GLN D 27 -3.58 -8.68 -33.69
C GLN D 27 -2.56 -7.76 -33.00
N ARG D 28 -2.55 -6.47 -33.36
CA ARG D 28 -1.70 -5.47 -32.69
C ARG D 28 -2.36 -5.15 -31.34
N LEU D 29 -1.55 -4.82 -30.32
CA LEU D 29 -2.06 -4.64 -28.96
C LEU D 29 -2.03 -3.23 -28.40
N VAL D 30 -1.95 -2.21 -29.25
CA VAL D 30 -1.98 -0.83 -28.79
C VAL D 30 -3.44 -0.46 -28.52
N HIS D 31 -3.75 -0.08 -27.27
CA HIS D 31 -5.10 0.33 -26.85
C HIS D 31 -5.36 1.74 -27.38
N SER D 32 -6.64 2.16 -27.41
CA SER D 32 -7.02 3.50 -27.84
C SER D 32 -6.36 4.59 -26.98
N ASN D 33 -5.91 4.26 -25.76
CA ASN D 33 -5.25 5.24 -24.91
C ASN D 33 -3.73 5.36 -25.16
N GLY D 34 -3.19 4.58 -26.11
CA GLY D 34 -1.77 4.63 -26.47
C GLY D 34 -0.92 3.54 -25.84
N ASN D 35 -1.42 2.91 -24.78
CA ASN D 35 -0.67 1.88 -24.09
C ASN D 35 -0.82 0.52 -24.73
N THR D 36 0.25 -0.29 -24.68
CA THR D 36 0.21 -1.66 -25.17
C THR D 36 0.18 -2.54 -23.91
N TYR D 37 -0.94 -3.22 -23.66
CA TYR D 37 -1.06 -4.06 -22.47
C TYR D 37 -0.67 -5.50 -22.74
N LEU D 38 0.62 -5.72 -22.98
CA LEU D 38 1.23 -7.01 -23.27
C LEU D 38 2.13 -7.26 -22.07
N HIS D 39 1.94 -8.36 -21.33
CA HIS D 39 2.66 -8.63 -20.09
C HIS D 39 3.23 -10.05 -20.04
N TRP D 40 4.14 -10.31 -19.06
CA TRP D 40 4.73 -11.62 -18.88
C TRP D 40 4.59 -12.05 -17.45
N TYR D 41 4.14 -13.28 -17.23
CA TYR D 41 4.01 -13.87 -15.90
C TYR D 41 4.84 -15.15 -15.82
N LEU D 42 5.31 -15.50 -14.62
CA LEU D 42 6.04 -16.74 -14.39
C LEU D 42 5.25 -17.48 -13.34
N GLN D 43 4.88 -18.75 -13.63
CA GLN D 43 4.22 -19.60 -12.65
C GLN D 43 5.18 -20.75 -12.25
N LYS D 44 5.68 -20.66 -11.05
CA LYS D 44 6.56 -21.68 -10.49
C LYS D 44 5.67 -22.82 -10.00
N PRO D 45 6.21 -24.05 -9.93
CA PRO D 45 5.37 -25.22 -9.56
C PRO D 45 4.71 -25.16 -8.18
N GLY D 46 3.40 -25.41 -8.16
CA GLY D 46 2.63 -25.36 -6.91
C GLY D 46 2.26 -23.96 -6.46
N GLN D 47 2.50 -22.95 -7.31
CA GLN D 47 2.24 -21.58 -6.96
C GLN D 47 1.35 -20.86 -7.97
N SER D 48 0.89 -19.68 -7.59
CA SER D 48 0.10 -18.82 -8.45
C SER D 48 1.07 -18.14 -9.42
N PRO D 49 0.58 -17.68 -10.59
CA PRO D 49 1.46 -16.90 -11.48
C PRO D 49 1.90 -15.59 -10.81
N ARG D 50 3.07 -15.08 -11.21
CA ARG D 50 3.69 -13.87 -10.64
C ARG D 50 4.12 -12.95 -11.80
N LEU D 51 3.70 -11.69 -11.77
CA LEU D 51 4.04 -10.71 -12.81
C LEU D 51 5.53 -10.34 -12.89
N LEU D 52 6.12 -10.38 -14.09
CA LEU D 52 7.53 -10.03 -14.25
C LEU D 52 7.70 -8.67 -14.95
N ILE D 53 7.06 -8.54 -16.13
CA ILE D 53 7.14 -7.41 -17.02
C ILE D 53 5.71 -6.97 -17.36
N TYR D 54 5.39 -5.69 -17.19
CA TYR D 54 4.08 -5.17 -17.56
C TYR D 54 4.23 -4.14 -18.71
N ARG D 55 3.25 -4.12 -19.60
CA ARG D 55 3.26 -3.19 -20.72
C ARG D 55 4.56 -3.21 -21.56
N VAL D 56 4.91 -4.40 -22.07
CA VAL D 56 6.01 -4.72 -22.98
C VAL D 56 7.40 -4.74 -22.31
N SER D 57 7.84 -3.63 -21.74
CA SER D 57 9.20 -3.53 -21.22
C SER D 57 9.36 -3.11 -19.79
N ASN D 58 8.29 -2.80 -19.08
CA ASN D 58 8.39 -2.31 -17.72
C ASN D 58 8.54 -3.42 -16.70
N ARG D 59 9.69 -3.47 -16.04
CA ARG D 59 9.93 -4.50 -15.03
C ARG D 59 9.14 -4.18 -13.77
N PHE D 60 8.41 -5.20 -13.25
CA PHE D 60 7.62 -5.00 -12.05
C PHE D 60 8.60 -4.87 -10.88
N PRO D 61 8.42 -3.87 -10.01
CA PRO D 61 9.34 -3.69 -8.89
C PRO D 61 9.49 -4.96 -8.05
N GLY D 62 10.72 -5.28 -7.67
CA GLY D 62 11.01 -6.50 -6.94
C GLY D 62 11.51 -7.61 -7.84
N VAL D 63 11.18 -7.57 -9.14
CA VAL D 63 11.64 -8.59 -10.08
C VAL D 63 13.15 -8.34 -10.38
N PRO D 64 14.00 -9.38 -10.46
CA PRO D 64 15.43 -9.12 -10.75
C PRO D 64 15.63 -8.50 -12.13
N ASP D 65 16.57 -7.56 -12.20
CA ASP D 65 16.88 -6.83 -13.42
C ASP D 65 17.51 -7.71 -14.53
N ARG D 66 17.68 -9.02 -14.27
CA ARG D 66 18.08 -9.95 -15.29
C ARG D 66 16.91 -10.27 -16.26
N PHE D 67 15.66 -9.88 -15.93
CA PHE D 67 14.51 -10.06 -16.82
C PHE D 67 14.25 -8.75 -17.49
N SER D 68 13.92 -8.81 -18.75
CA SER D 68 13.55 -7.63 -19.51
C SER D 68 12.66 -8.06 -20.66
N GLY D 69 11.80 -7.15 -21.13
CA GLY D 69 10.94 -7.46 -22.26
C GLY D 69 11.07 -6.39 -23.33
N SER D 70 10.78 -6.74 -24.56
CA SER D 70 10.73 -5.77 -25.66
C SER D 70 9.69 -6.23 -26.70
N GLY D 71 9.48 -5.42 -27.74
CA GLY D 71 8.57 -5.77 -28.81
C GLY D 71 7.62 -4.68 -29.23
N SER D 72 7.00 -4.89 -30.40
CA SER D 72 6.03 -3.97 -30.98
C SER D 72 5.23 -4.72 -32.04
N GLY D 73 4.08 -4.16 -32.42
CA GLY D 73 3.23 -4.78 -33.42
C GLY D 73 2.66 -6.08 -32.92
N THR D 74 3.09 -7.17 -33.54
CA THR D 74 2.66 -8.49 -33.14
C THR D 74 3.79 -9.37 -32.61
N ASP D 75 5.01 -8.83 -32.45
CA ASP D 75 6.14 -9.64 -31.98
C ASP D 75 6.75 -9.11 -30.67
N PHE D 76 6.76 -9.94 -29.61
CA PHE D 76 7.25 -9.54 -28.29
C PHE D 76 8.23 -10.57 -27.70
N THR D 77 9.23 -10.13 -26.92
CA THR D 77 10.23 -11.06 -26.41
C THR D 77 10.52 -10.85 -24.95
N LEU D 78 10.65 -11.94 -24.19
CA LEU D 78 11.07 -11.87 -22.81
C LEU D 78 12.51 -12.40 -22.80
N LYS D 79 13.45 -11.66 -22.18
CA LYS D 79 14.84 -12.12 -22.09
C LYS D 79 15.29 -12.28 -20.66
N ILE D 80 16.08 -13.32 -20.40
CA ILE D 80 16.70 -13.53 -19.10
C ILE D 80 18.17 -13.47 -19.46
N SER D 81 18.89 -12.44 -19.02
CA SER D 81 20.29 -12.22 -19.35
C SER D 81 21.23 -13.36 -18.92
N ARG D 82 21.04 -13.88 -17.71
CA ARG D 82 21.82 -14.97 -17.13
C ARG D 82 20.82 -15.71 -16.31
N VAL D 83 20.52 -16.95 -16.67
CA VAL D 83 19.49 -17.74 -16.02
C VAL D 83 19.97 -18.27 -14.66
N GLU D 84 19.14 -18.15 -13.61
CA GLU D 84 19.46 -18.74 -12.33
C GLU D 84 18.58 -20.02 -12.14
N ALA D 85 18.99 -20.93 -11.26
CA ALA D 85 18.24 -22.16 -10.99
C ALA D 85 16.79 -21.90 -10.56
N GLU D 86 16.56 -20.79 -9.87
CA GLU D 86 15.23 -20.41 -9.40
C GLU D 86 14.30 -19.94 -10.52
N ASP D 87 14.79 -19.76 -11.75
CA ASP D 87 13.93 -19.30 -12.84
C ASP D 87 13.07 -20.41 -13.44
N VAL D 88 13.19 -21.64 -12.96
CA VAL D 88 12.43 -22.76 -13.45
C VAL D 88 10.95 -22.55 -13.20
N GLY D 89 10.15 -22.98 -14.17
CA GLY D 89 8.70 -22.80 -14.16
C GLY D 89 8.18 -22.50 -15.55
N VAL D 90 6.91 -22.06 -15.63
CA VAL D 90 6.27 -21.77 -16.91
C VAL D 90 6.05 -20.24 -17.15
N TYR D 91 6.54 -19.75 -18.28
CA TYR D 91 6.42 -18.35 -18.66
C TYR D 91 5.23 -18.14 -19.59
N TYR D 92 4.35 -17.19 -19.24
CA TYR D 92 3.18 -16.88 -20.06
C TYR D 92 3.22 -15.45 -20.52
N CYS D 93 2.91 -15.20 -21.80
CA CYS D 93 2.68 -13.84 -22.24
C CYS D 93 1.17 -13.61 -22.24
N SER D 94 0.75 -12.42 -21.83
CA SER D 94 -0.65 -12.09 -21.65
C SER D 94 -0.96 -10.78 -22.33
N GLN D 95 -2.15 -10.70 -22.85
CA GLN D 95 -2.63 -9.51 -23.51
C GLN D 95 -3.89 -9.09 -22.78
N SER D 96 -3.99 -7.81 -22.37
CA SER D 96 -5.20 -7.32 -21.73
C SER D 96 -5.67 -5.96 -22.33
N THR D 97 -5.26 -5.66 -23.57
CA THR D 97 -5.65 -4.46 -24.31
C THR D 97 -7.15 -4.58 -24.70
N HIS D 98 -7.57 -5.80 -25.12
CA HIS D 98 -8.91 -6.13 -25.55
C HIS D 98 -9.46 -7.29 -24.78
N VAL D 99 -10.76 -7.28 -24.55
CA VAL D 99 -11.52 -8.25 -23.82
C VAL D 99 -12.05 -9.29 -24.80
N PRO D 100 -11.84 -10.59 -24.53
CA PRO D 100 -11.24 -11.14 -23.31
C PRO D 100 -9.72 -11.12 -23.28
N TYR D 101 -9.14 -11.02 -22.07
CA TYR D 101 -7.69 -11.06 -21.86
C TYR D 101 -7.24 -12.45 -22.27
N THR D 102 -6.12 -12.56 -23.00
CA THR D 102 -5.65 -13.87 -23.46
C THR D 102 -4.20 -14.14 -23.18
N PHE D 103 -3.90 -15.37 -22.82
CA PHE D 103 -2.57 -15.85 -22.52
C PHE D 103 -2.00 -16.77 -23.64
N GLY D 104 -0.68 -16.85 -23.72
CA GLY D 104 -0.04 -17.81 -24.60
C GLY D 104 -0.11 -19.20 -23.95
N GLN D 105 0.47 -20.20 -24.60
CA GLN D 105 0.41 -21.59 -24.09
C GLN D 105 1.25 -21.84 -22.85
N GLY D 106 2.29 -21.05 -22.67
CA GLY D 106 3.25 -21.27 -21.61
C GLY D 106 4.52 -21.88 -22.19
N THR D 107 5.65 -21.49 -21.65
CA THR D 107 6.95 -22.00 -22.09
C THR D 107 7.62 -22.45 -20.84
N LYS D 108 7.82 -23.76 -20.73
CA LYS D 108 8.45 -24.31 -19.56
C LYS D 108 9.95 -24.12 -19.71
N LEU D 109 10.57 -23.40 -18.78
CA LEU D 109 12.03 -23.26 -18.76
C LEU D 109 12.56 -24.46 -17.96
N GLU D 110 13.49 -25.23 -18.54
CA GLU D 110 14.09 -26.37 -17.87
C GLU D 110 15.56 -26.07 -17.62
N ILE D 111 16.05 -26.31 -16.40
CA ILE D 111 17.46 -26.05 -16.09
C ILE D 111 18.31 -27.29 -16.41
N LYS D 112 19.35 -27.14 -17.20
CA LYS D 112 20.26 -28.25 -17.48
C LYS D 112 21.35 -28.23 -16.41
N ARG D 113 21.54 -29.34 -15.71
CA ARG D 113 22.56 -29.43 -14.66
C ARG D 113 23.39 -30.73 -14.82
N THR D 114 24.37 -30.95 -13.92
CA THR D 114 25.17 -32.18 -13.99
C THR D 114 24.32 -33.38 -13.59
N VAL D 115 24.72 -34.57 -14.03
CA VAL D 115 24.02 -35.81 -13.68
C VAL D 115 24.13 -36.01 -12.15
N ALA D 116 23.03 -36.37 -11.53
CA ALA D 116 23.00 -36.61 -10.10
C ALA D 116 22.19 -37.90 -9.92
N ALA D 117 22.80 -38.93 -9.36
CA ALA D 117 22.13 -40.21 -9.14
C ALA D 117 21.17 -40.07 -7.96
N PRO D 118 20.08 -40.84 -7.92
CA PRO D 118 19.15 -40.71 -6.79
C PRO D 118 19.60 -41.43 -5.53
N SER D 119 19.16 -40.90 -4.37
CA SER D 119 19.29 -41.60 -3.10
C SER D 119 18.02 -42.41 -3.04
N VAL D 120 18.14 -43.73 -2.92
CA VAL D 120 17.01 -44.63 -2.92
C VAL D 120 16.65 -45.09 -1.50
N PHE D 121 15.37 -45.07 -1.15
CA PHE D 121 14.90 -45.53 0.17
C PHE D 121 13.66 -46.40 -0.03
N ILE D 122 13.46 -47.42 0.80
CA ILE D 122 12.26 -48.25 0.72
C ILE D 122 11.51 -48.22 2.05
N PHE D 123 10.18 -48.24 2.03
CA PHE D 123 9.39 -48.20 3.23
C PHE D 123 8.36 -49.31 3.23
N PRO D 124 8.39 -50.19 4.25
CA PRO D 124 7.34 -51.22 4.36
C PRO D 124 6.00 -50.59 4.72
N PRO D 125 4.88 -51.31 4.51
CA PRO D 125 3.59 -50.76 4.96
C PRO D 125 3.57 -50.61 6.50
N SER D 126 2.82 -49.65 7.00
CA SER D 126 2.67 -49.45 8.43
C SER D 126 1.79 -50.57 9.01
N ASP D 127 1.89 -50.83 10.31
CA ASP D 127 1.03 -51.83 10.95
C ASP D 127 -0.42 -51.37 11.01
N GLU D 128 -0.64 -50.05 11.16
N GLU D 128 -0.64 -50.06 11.15
CA GLU D 128 -1.98 -49.48 11.17
CA GLU D 128 -1.97 -49.47 11.17
C GLU D 128 -2.71 -49.70 9.83
C GLU D 128 -2.68 -49.74 9.84
N GLN D 129 -1.95 -49.67 8.71
CA GLN D 129 -2.54 -49.93 7.38
C GLN D 129 -2.85 -51.40 7.15
N LEU D 130 -1.97 -52.31 7.63
CA LEU D 130 -2.17 -53.75 7.48
C LEU D 130 -3.44 -54.22 8.15
N LYS D 131 -3.81 -53.63 9.30
CA LYS D 131 -5.09 -53.95 9.96
C LYS D 131 -6.27 -53.77 9.01
N SER D 132 -6.20 -52.78 8.12
CA SER D 132 -7.24 -52.45 7.15
C SER D 132 -7.32 -53.38 5.90
N GLY D 133 -6.45 -54.38 5.78
CA GLY D 133 -6.52 -55.30 4.65
C GLY D 133 -5.74 -54.96 3.38
N THR D 134 -5.04 -53.80 3.36
CA THR D 134 -4.21 -53.41 2.22
C THR D 134 -2.77 -53.12 2.65
N ALA D 135 -1.82 -53.31 1.73
CA ALA D 135 -0.40 -53.08 1.93
C ALA D 135 0.24 -52.20 0.83
N SER D 136 0.78 -51.07 1.25
CA SER D 136 1.48 -50.16 0.35
C SER D 136 2.97 -50.18 0.71
N VAL D 137 3.82 -50.52 -0.24
CA VAL D 137 5.27 -50.51 -0.05
C VAL D 137 5.74 -49.32 -0.88
N VAL D 138 6.45 -48.36 -0.25
CA VAL D 138 6.86 -47.15 -0.97
C VAL D 138 8.33 -47.15 -1.26
N CYS D 139 8.76 -46.80 -2.47
CA CYS D 139 10.15 -46.65 -2.86
C CYS D 139 10.31 -45.16 -3.24
N LEU D 140 11.26 -44.47 -2.62
CA LEU D 140 11.60 -43.07 -2.85
C LEU D 140 12.95 -42.97 -3.58
N LEU D 141 12.99 -42.21 -4.68
CA LEU D 141 14.18 -41.88 -5.47
C LEU D 141 14.31 -40.39 -5.21
N ASN D 142 15.37 -39.99 -4.51
CA ASN D 142 15.50 -38.63 -4.06
C ASN D 142 16.59 -37.83 -4.73
N ASN D 143 16.19 -36.65 -5.24
CA ASN D 143 17.04 -35.62 -5.82
C ASN D 143 18.00 -36.11 -6.89
N PHE D 144 17.48 -36.64 -7.98
CA PHE D 144 18.28 -37.13 -9.10
C PHE D 144 18.14 -36.19 -10.35
N TYR D 145 18.99 -36.37 -11.34
CA TYR D 145 18.95 -35.66 -12.61
C TYR D 145 19.73 -36.46 -13.67
N PRO D 146 19.25 -36.61 -14.92
CA PRO D 146 17.97 -36.14 -15.49
C PRO D 146 16.72 -36.84 -14.94
N ARG D 147 15.52 -36.49 -15.44
CA ARG D 147 14.21 -37.02 -14.99
C ARG D 147 13.99 -38.51 -15.35
N GLU D 148 14.76 -39.03 -16.30
CA GLU D 148 14.63 -40.41 -16.72
C GLU D 148 15.10 -41.38 -15.63
N ALA D 149 14.18 -42.17 -15.09
CA ALA D 149 14.46 -43.16 -14.05
C ALA D 149 13.53 -44.33 -14.21
N LYS D 150 14.01 -45.52 -13.94
CA LYS D 150 13.18 -46.73 -13.98
C LYS D 150 13.20 -47.40 -12.61
N VAL D 151 12.02 -47.74 -12.10
CA VAL D 151 11.86 -48.47 -10.85
C VAL D 151 11.17 -49.78 -11.17
N GLN D 152 11.78 -50.90 -10.76
CA GLN D 152 11.21 -52.22 -10.93
C GLN D 152 10.99 -52.80 -9.55
N TRP D 153 9.82 -53.33 -9.29
CA TRP D 153 9.51 -53.94 -8.01
C TRP D 153 9.67 -55.46 -8.07
N LYS D 154 10.20 -56.04 -6.99
CA LYS D 154 10.42 -57.49 -6.89
C LYS D 154 9.92 -58.03 -5.56
N VAL D 155 9.14 -59.09 -5.59
CA VAL D 155 8.64 -59.73 -4.37
C VAL D 155 9.11 -61.17 -4.44
N ASP D 156 9.98 -61.57 -3.52
CA ASP D 156 10.56 -62.92 -3.53
C ASP D 156 11.29 -63.21 -4.85
N ASN D 157 11.95 -62.15 -5.41
CA ASN D 157 12.69 -62.18 -6.68
C ASN D 157 11.82 -62.23 -7.93
N ALA D 158 10.49 -62.25 -7.78
CA ALA D 158 9.59 -62.28 -8.92
C ALA D 158 9.28 -60.84 -9.29
N LEU D 159 9.57 -60.49 -10.54
CA LEU D 159 9.35 -59.16 -11.08
C LEU D 159 7.84 -58.83 -11.16
N GLN D 160 7.41 -57.70 -10.58
CA GLN D 160 6.01 -57.29 -10.59
C GLN D 160 5.61 -56.43 -11.78
N SER D 161 4.32 -56.44 -12.15
CA SER D 161 3.75 -55.57 -13.20
C SER D 161 2.26 -55.35 -13.06
N GLY D 162 1.85 -54.09 -13.14
CA GLY D 162 0.45 -53.74 -13.04
C GLY D 162 -0.04 -53.46 -11.63
N ASN D 163 0.83 -53.59 -10.63
CA ASN D 163 0.43 -53.34 -9.24
C ASN D 163 1.25 -52.18 -8.60
N SER D 164 1.73 -51.25 -9.43
CA SER D 164 2.44 -50.08 -8.92
C SER D 164 2.15 -48.82 -9.73
N GLN D 165 2.17 -47.67 -9.05
CA GLN D 165 1.98 -46.36 -9.67
C GLN D 165 3.06 -45.44 -9.13
N GLU D 166 3.54 -44.54 -9.97
CA GLU D 166 4.54 -43.58 -9.52
C GLU D 166 4.18 -42.15 -9.89
N SER D 167 4.84 -41.22 -9.25
CA SER D 167 4.77 -39.81 -9.61
C SER D 167 6.12 -39.16 -9.28
N VAL D 168 6.47 -38.15 -10.10
CA VAL D 168 7.71 -37.40 -9.99
C VAL D 168 7.39 -35.93 -9.79
N THR D 169 8.16 -35.24 -8.95
CA THR D 169 7.98 -33.84 -8.69
C THR D 169 8.54 -32.98 -9.84
N GLU D 170 8.22 -31.68 -9.84
CA GLU D 170 8.80 -30.77 -10.79
C GLU D 170 10.27 -30.49 -10.35
N GLN D 171 11.11 -29.99 -11.26
CA GLN D 171 12.50 -29.65 -11.00
C GLN D 171 12.61 -28.67 -9.82
N ASP D 172 13.52 -28.95 -8.90
CA ASP D 172 13.71 -28.12 -7.72
C ASP D 172 14.27 -26.74 -8.08
N SER D 173 13.78 -25.68 -7.41
CA SER D 173 14.26 -24.32 -7.64
C SER D 173 15.68 -24.08 -7.14
N LYS D 174 16.14 -24.85 -6.15
CA LYS D 174 17.47 -24.68 -5.60
C LYS D 174 18.52 -25.58 -6.25
N ASP D 175 18.31 -26.93 -6.27
CA ASP D 175 19.33 -27.81 -6.82
C ASP D 175 19.00 -28.40 -8.20
N SER D 176 17.89 -28.03 -8.83
CA SER D 176 17.52 -28.49 -10.17
C SER D 176 17.35 -30.02 -10.33
N THR D 177 17.06 -30.73 -9.24
CA THR D 177 16.85 -32.17 -9.30
C THR D 177 15.34 -32.50 -9.29
N TYR D 178 15.03 -33.77 -9.52
CA TYR D 178 13.70 -34.37 -9.48
C TYR D 178 13.64 -35.38 -8.35
N SER D 179 12.46 -35.71 -7.89
CA SER D 179 12.27 -36.77 -6.93
C SER D 179 11.11 -37.64 -7.42
N LEU D 180 11.20 -38.97 -7.19
CA LEU D 180 10.19 -39.93 -7.63
C LEU D 180 9.72 -40.81 -6.45
N SER D 181 8.41 -41.05 -6.37
CA SER D 181 7.86 -41.97 -5.37
C SER D 181 7.09 -43.03 -6.13
N SER D 182 7.27 -44.28 -5.77
CA SER D 182 6.59 -45.40 -6.41
C SER D 182 5.93 -46.22 -5.32
N THR D 183 4.63 -46.51 -5.46
CA THR D 183 3.91 -47.32 -4.48
C THR D 183 3.53 -48.69 -5.08
N LEU D 184 3.90 -49.80 -4.41
CA LEU D 184 3.49 -51.14 -4.78
C LEU D 184 2.28 -51.47 -3.89
N THR D 185 1.11 -51.73 -4.50
CA THR D 185 -0.09 -52.04 -3.73
C THR D 185 -0.42 -53.53 -3.83
N LEU D 186 -0.38 -54.22 -2.69
CA LEU D 186 -0.75 -55.63 -2.62
C LEU D 186 -1.82 -55.74 -1.52
N SER D 187 -2.59 -56.82 -1.52
CA SER D 187 -3.56 -57.04 -0.44
C SER D 187 -2.75 -57.53 0.79
N LYS D 188 -3.27 -57.32 2.01
CA LYS D 188 -2.63 -57.79 3.25
C LYS D 188 -2.31 -59.30 3.18
N ALA D 189 -3.28 -60.10 2.66
CA ALA D 189 -3.12 -61.55 2.53
C ALA D 189 -2.02 -61.97 1.55
N ASP D 190 -1.78 -61.18 0.50
CA ASP D 190 -0.70 -61.50 -0.43
C ASP D 190 0.63 -61.00 0.12
N TYR D 191 0.63 -59.81 0.75
CA TYR D 191 1.80 -59.23 1.38
C TYR D 191 2.41 -60.20 2.44
N GLU D 192 1.53 -60.87 3.19
CA GLU D 192 1.90 -61.81 4.23
C GLU D 192 2.38 -63.17 3.74
N LYS D 193 2.30 -63.44 2.42
CA LYS D 193 2.83 -64.69 1.88
C LYS D 193 4.30 -64.55 1.42
N HIS D 194 4.91 -63.37 1.55
CA HIS D 194 6.24 -63.12 1.01
C HIS D 194 7.20 -62.54 2.04
N LYS D 195 8.48 -62.74 1.78
CA LYS D 195 9.51 -62.28 2.67
C LYS D 195 10.21 -61.06 2.11
N VAL D 196 10.85 -61.19 0.95
CA VAL D 196 11.68 -60.15 0.35
C VAL D 196 10.94 -59.16 -0.49
N TYR D 197 11.04 -57.88 -0.15
CA TYR D 197 10.42 -56.81 -0.92
C TYR D 197 11.51 -55.92 -1.39
N ALA D 198 11.62 -55.70 -2.71
CA ALA D 198 12.74 -54.90 -3.23
C ALA D 198 12.38 -53.94 -4.34
N CYS D 199 12.98 -52.72 -4.37
CA CYS D 199 12.84 -51.86 -5.55
C CYS D 199 14.21 -51.61 -6.19
N GLU D 200 14.30 -51.88 -7.48
CA GLU D 200 15.53 -51.77 -8.24
C GLU D 200 15.49 -50.56 -9.13
N VAL D 201 16.49 -49.69 -9.00
CA VAL D 201 16.55 -48.40 -9.70
C VAL D 201 17.63 -48.30 -10.77
N THR D 202 17.23 -47.94 -11.99
CA THR D 202 18.19 -47.67 -13.06
C THR D 202 18.02 -46.19 -13.40
N HIS D 203 19.11 -45.47 -13.35
CA HIS D 203 19.25 -44.06 -13.65
C HIS D 203 20.62 -43.88 -14.32
N GLN D 204 20.82 -42.85 -15.18
CA GLN D 204 22.11 -42.66 -15.85
C GLN D 204 23.24 -42.32 -14.87
N GLY D 205 22.92 -41.84 -13.68
CA GLY D 205 23.91 -41.56 -12.65
C GLY D 205 24.41 -42.78 -11.90
N LEU D 206 23.78 -43.95 -12.14
CA LEU D 206 24.15 -45.22 -11.53
C LEU D 206 24.79 -46.14 -12.58
N SER D 207 26.01 -46.60 -12.34
CA SER D 207 26.71 -47.47 -13.28
C SER D 207 26.14 -48.91 -13.31
N SER D 208 25.37 -49.30 -12.27
CA SER D 208 24.66 -50.58 -12.16
C SER D 208 23.43 -50.35 -11.26
N PRO D 209 22.29 -50.98 -11.56
CA PRO D 209 21.09 -50.73 -10.75
C PRO D 209 21.24 -50.82 -9.22
N VAL D 210 20.60 -49.91 -8.49
CA VAL D 210 20.64 -49.90 -7.03
C VAL D 210 19.39 -50.57 -6.52
N THR D 211 19.52 -51.50 -5.59
CA THR D 211 18.39 -52.20 -5.04
C THR D 211 18.25 -51.92 -3.57
N LYS D 212 17.08 -51.44 -3.14
CA LYS D 212 16.80 -51.27 -1.73
C LYS D 212 15.77 -52.33 -1.37
N SER D 213 15.97 -53.06 -0.30
CA SER D 213 15.07 -54.14 0.07
C SER D 213 14.89 -54.31 1.57
N PHE D 214 13.86 -55.01 1.96
CA PHE D 214 13.58 -55.34 3.34
C PHE D 214 12.95 -56.75 3.41
N ASN D 215 13.08 -57.42 4.54
CA ASN D 215 12.45 -58.71 4.76
C ASN D 215 11.30 -58.52 5.75
N ARG D 216 10.12 -59.13 5.47
CA ARG D 216 8.94 -59.31 6.34
C ARG D 216 7.63 -59.26 5.57
N GLY D 217 6.62 -59.91 6.15
CA GLY D 217 5.29 -60.11 5.58
C GLY D 217 4.76 -61.42 6.16
ZN ZN E . -22.31 -12.49 -25.80
CL CL F . -7.06 -23.66 -18.93
C1 GOL G . 2.70 -40.27 -5.31
O1 GOL G . 2.23 -39.25 -4.45
C2 GOL G . 2.47 -41.63 -4.71
O2 GOL G . 1.07 -41.88 -4.62
C3 GOL G . 3.11 -42.69 -5.56
O3 GOL G . 3.93 -43.48 -4.72
ZN ZN H . 1.92 -63.42 -3.87
ZN ZN I . 2.84 -61.65 -6.20
CL CL J . 8.45 -55.52 7.99
#